data_8JXJ
#
_entry.id   8JXJ
#
_cell.length_a   1.00
_cell.length_b   1.00
_cell.length_c   1.00
_cell.angle_alpha   90.00
_cell.angle_beta   90.00
_cell.angle_gamma   90.00
#
_symmetry.space_group_name_H-M   'P 1'
#
loop_
_entity.id
_entity.type
_entity.pdbx_description
1 polymer 'LDL receptor related protein 2'
2 branched alpha-D-mannopyranose-(1-3)-[alpha-D-mannopyranose-(1-6)]beta-D-mannopyranose-(1-4)-2-acetamido-2-deoxy-beta-D-glucopyranose-(1-4)-2-acetamido-2-deoxy-beta-D-glucopyranose
3 branched beta-D-mannopyranose-(1-4)-2-acetamido-2-deoxy-beta-D-glucopyranose-(1-4)-2-acetamido-2-deoxy-beta-D-glucopyranose
4 branched alpha-D-mannopyranose-(1-3)-[alpha-D-mannopyranose-(1-6)]beta-D-mannopyranose-(1-4)-2-acetamido-2-deoxy-beta-D-glucopyranose-(1-3)-2-acetamido-2-deoxy-beta-D-glucopyranose
5 branched beta-D-mannopyranose-(1-3)-2-acetamido-2-deoxy-beta-D-glucopyranose-(1-4)-2-acetamido-2-deoxy-beta-D-glucopyranose
6 non-polymer 2-acetamido-2-deoxy-beta-D-glucopyranose
7 non-polymer 'CALCIUM ION'
#
_entity_poly.entity_id   1
_entity_poly.type   'polypeptide(L)'
_entity_poly.pdbx_seq_one_letter_code
;MERGAAAAAWMLLLAIAACLEPVSSQECGSGNFRCDNGYCIPASWRCDGTRDCLDDTDEIGCPPRSCESGLFLCPAEGTC
IPSSWVCDEDKDCSDGADEQQNCAGTTCSAQQMTCSNGQCIPSEYRCDHVSDCPDGSDERNCHYPTCDQLTCANGACYNT
SQRCDQKVDCRDSSDEANCTTLCSQKEFECGSGECILRAYVCDHDNDCEDNSDERNCNYDTCGGHQFTCSNGQCINQNWV
CDGDDDCQDSGDEDGCESNQSHHRCYPREWACPGSGRCISIDKVCDGVPDCPEGDDENNVTSGRTCGMGVCSVLNCEYQC
HQTPFGGECFCPPGHIINSNDSRTCIDFDDCQIWGICDQKCENRQGRHQCLCEEGYILERGQHCKSSDSFSAASVIFSNG
RDLLVGDLHGRNFRILAESKNRGMVMGVDFHYQKHRVFWTDPMQEKVFSTDINGLNTQEILNVSVDTPENLAVDWINNKL
YLVETKVNRIDVVNLEGNQRVTLITENLGHPRGIALDPTVGYLFFSDWGSLSGQPKVERAFMDGSNRKDLVTTKVGWPAG
ITLDLVSKRVYWVDSRYDYIETVTYDGIQRKTVARGGSLVPHPFGISLFEEHVFFTDWTKMAVMKASKFTETNPQVYHQS
SLRPHGVTVYHALRQPNATNPCGSNNGGCAQVCVLSHRTDNGGLGYRCKCEFGFELDDDEHRCVAVKNFLLFSSKTAVRG
IPFTLSTQEDVMVPVTGSPSFFVGIDFDAQHSTVFYSDLSKDIIYKQKIDGTGKEVITANRLESVECLTFDWISRNLYWT
DGGLKSVTVLRLADKSRRQIISNLNNPRSIVVHPTAGYMFLSDWFRPAKIMRAWSDGSHLMPIVNTSLGWPNGLAIDWSA
SRLYWVDAFFDKIEHSTLDGLDRKRLGHVDQMTHPFGLTVFKDNVFITDWRLGAIIRVRKSDGGDMTVIRRGISSVMHVK
AYDADLQTGSNYCSQTTHANGDCSHFCFPVPNFQRVCGCPYGMKLQRDQMTCEGDPAREPPTQQCGSLSFPCNNGKCVPS
FFRCDGVDDCHDNSDEHQCGVFNNTCSPSAFACVRGGQCIPGQWHCDRQNDCLDGSDEQNCPTHATSSTCPSTSFTCDNH
VCIPKDWVCDTDNDCSDGSDEKNCQASGTCQPTQFRCPDHRCISPLYVCDGDKDCADGSDEAGCVLNCTSAQFKCADGSS
CINSRYRCDGVYDCRDNSDEAGCPTRPPGMCHLDEFQCQGDGTCIPNTWECDGHPDCIHGSDEHTGCVPKTCSPTHFLCD
NGNCIYKAWICDGDNDCRDMSDEKDCPTQPFHCPSTQWQCPGYSTCINLSALCDGVFDCPNGTDESPLCNQDSCSHFNGG
CTHQCMQGPFGATCLCPLGYQLANDTKTCEDINECDIPGFCSQHCVNMRGSFRCACDPEYTLESDGRTCKVTGSENPLLV
VASRDKIIVDNITAHTHNLYSLVQDVSFVVALDFDSVTGRVFWSDLLQGKTWSVFQNGTDKRVVHDSGLSVTEMIAVDWI
GRNLYWTDYALETIEVSKIDGSHRTVLISKNVTKPRGLALDPRMGDNVMFWSDWGHHPRIERASMDGTMRTVIVQEKIYW
PCGLSIDYPNRLIYFMDAYLDYIEFCDYDGHNRRQVIASDLVLHHPHALTLFEDFVYWTDRGTRQVMQANKWHGGNQSVV
MYSVHQPLGITAIHPSRQPPSRNPCASASCSHLCLLSAQAPRHYSCACPSGWNLSDDSVNCVRGDQPFLMSVRDNIIFGI
SLDPEVKSNDAMVPISGIQHGYDVEFDDSEQFIYWVENPGEIHRVKTDGSNRTVFAPLSLLGSSLGLALDWVSRNIYYTT
PASRSIEVLTLKGDTRYGKTLIANDGTPLGVGFPVGIAVDPARGKLYWSDHGTDSGVPAKIASANMDGTSLKILFTGNLQ
HLEVVTLDIQEQKLYWAVTSRGVIERGNVDGTERMILVHHLAHPWGLVVYGSFLYYSDEQYEVIERVDKSSGNNKVVLRD
NVPYLRGLRVYHRRNAADSSNGCSNNPNACQQICLPVPGGMFSCACASGFKLSPDGRSCSPYNSFMVVSMLPAVRGFSLE
LSDHSEAMVPVAGQGRNVLHADVDVANGFIYWCDFSSSVRSSNGIRRIKPDGSNFTNVVTYGIGANGIRGVALDWAAGNL
YFTNAFVYETLIEVLRINTTYRRVLLKVSVDMPRHIIVDPKHRYLFWADYGQKPKIERSFLDCTNRTVLVSEGIVTPRGL
AMDHDTGYIYWVDDSLDLIARIHLDGGESQVVRYGSRYPTPYGITVFGESIIWVDRNLKKVFQASKQPGNTDPPVVIRDK
INLLRDVTIFDEHAQPLSPAELNNNPCLQSNGGCSHFCFALPELPTPRCGCAFGTLGNDGKSCATSQEDFLIYSLNNSLR
SLHFDPRDHSLPFQVISVAGTAIALDYDRRNNRIFFTQKLNSLRGQISYVSLYSGSSSPTVLLSNIGVTDGIAFDWINRR
IYYSDFSNQTINSMAEDGSNRAVIARVSKPRAIVLDPCRGYMYWTDWGTNAKIERATLGGNFRVPIVNTSLVWPNGLALD
LETDLLYWADASLQKIERSTLTGTNREVVVSTAFHSFGLTVYGQYIYWTDLYTRKIYRANKYDGSDLVAMTTRLPTQPSG
ISTVVKTQRQQCSNPCDQFNGGCSHICAPGPNGAECQCPHEGNWYLANDNKYCVVDTGTRCNQLQFTCLNGHCINQDWKC
DNDNDCGDGSDELPTVCAFHTCRSTAFTCGNGRCVPYHYRCDYYNDCGDNSDEAGCLFRNCNSTTEFTCSNGRCIPLSYV
CNGINNCHDNDTSDEKNCPPHTCPPDFTKCQTTNICVPRAFLCDGDNDCGDGSDENPIYCASHTCRSNEFQCLSPQRCIP
SYWFCDGEADCADGSDEPDTCGHSVNTCRASQFQCDNGRCISGNWVCDGDNDCGDMSDEDQRHHCELQNCSSTQFTCVNS
RPPNRRCIPQYWVCDGDADCSDALDELQNCTMRTCSAGEFSCANGRCVRQSFRCDRRNDCGDYSDERGCSYPPCHANQFT
CQNGRCIPRFFVCDEDNDCGDGSDEQEHLCHTPEPTCPLHQFRCDNGHCIEMGRVCNHVDDCSDNSDEKGCGINECLDSS
ISRCDHNCTDTITSFYCSCLPGYKLMSDKRSCVDIDECKESPQLCSQKCENVVGSYICKCAPGYIREPDGKSCRQNSNIE
PYLIFSNRYYIRNLTTDGSSYSLILQGLGNVVALDFDRVEKRLYWIDAEKQIIERMFLNKTNRETIINHRLRRAESLAVD
WVSRKLYWLDAILDCLFVSDLEGRHRKMIAQHCVDANNTFCFEHPRGIVLHPQRGHVYWADWGVHAYIGRIGMDGTNKSV
IISTKIEWPNAITIDYTNDLLYWADAHLGYIEFSDLEGHHRHTVYDGSLPHPFALTIFEDTVFWTDWNTRTVEKGNKYDG
SGRVVLVNTTHKPFDIHVYHPYRQPIMSNPCGTNNGGCSHLCLIKAGGRGFTCACPDDFQTVQLRDRTLCMPMCSSTQFL
CGNNEKCIPIWWKCDGQKDCSDGSDEPDLCPHRFCRLGQFQCRDGNCTSPQALCNARQDCADGSDEDRVLCEHHRCESNE
WQCANKRCIPQSWQCDSVNDCLDNSDEDTSHCASRTCRPGQFKCNNGRCIPQSWKCDVDNDCGDYSDEPIDECTTAAYNC
DNHTEFSCKTNYRCIPQWAVCNGFDDCRDNSDEQGCESVPCHPSGDFRCANHHCIPLRWKCDGTDDCGDNSDEENCVPRE
CSESEFRCADQQCIPSRWVCDQENDCGDNSDERDCEMKTCHPEHFQCTSGHCVPKALACDGRADCLDASDESACPTRFPN
GTYCPAAMFECKNHVCIQSFWICDGENDCVDGSDEEIHLCFNIPCESPQRFRCDNSRCVYGHQLCNGVDDCGDGSDEKEE
HCRKPTHKPCTDTEYKCSNGNCISQHYVCDNVNDCGDLSDETGCNLGDNRTCAENICEQNCTQLSSGGFICSCRPGFKPS
TLDKNSCQDINECEEFGICPQSCRNSKGSYECFCVDGFKSMSTHYGERCAADGSPPLLLLPENVRIRKYNTSSEKFSEYL
EEEEHIQTIDYDWDPEHIGLSVVYYTVLAQGSQFGAIKRAYIPNFESGSNNPIREVDLGLKYLMQPDGLAVDWVGRHIYW
SDAKSQRIEVATLDGRYRKWLITTQLDQPAAIAVNPKLGLMFWTDQGKQPKIESAWMNGEHRSVLVSENLGWPNGLSIDY
LNDDRVYWSDSKEDVIEAIKYDGTDRRLIINEAMKPFSLDIFEDKLYWVAKEKGEVWRQNKFGKENKEKVLVVNPWLTQV
RIFHQLRYNQSVSNPCKQVCSHLCLLRPGGYSCACPQGSDFVTGSTVQCDAASELPVTMPPPCRCMHGGNCYFDENELPK
CKCSSGYSGEYCEVGLSRGIPPGTTMAVLLTFVIVIIVGALVLVGLFHYRKTGSLLPTLPKLPSLSSLAKPSENGNGVTF
RSGADVNMDIGVSPFGPETIIDRSMAMNEHFVMEVGKQPVIFENPMYAAKDNTSKVALAVQGPSTGAQVTVPENVENQNY
GRPIDPSEIVPEPKPASPGADEIQGKKWNIFKRKPKQTTNFENPIYAEMDSEVKDAVAVAPPPSPSLPAKASKRNLTPGY
TATEDTFKDTANLVKEDSDV
;
_entity_poly.pdbx_strand_id   A,B
#
# COMPACT_ATOMS: atom_id res chain seq x y z
N GLU A 27 25.05 44.33 -44.78
CA GLU A 27 25.53 42.95 -44.84
C GLU A 27 26.34 42.59 -43.60
N CYS A 28 26.78 41.34 -43.52
CA CYS A 28 27.52 40.88 -42.37
C CYS A 28 28.93 41.48 -42.34
N GLY A 29 29.53 41.47 -41.16
CA GLY A 29 30.88 41.97 -41.02
C GLY A 29 31.91 41.01 -41.58
N SER A 30 33.16 41.50 -41.64
CA SER A 30 34.25 40.69 -42.18
C SER A 30 34.48 39.44 -41.32
N GLY A 31 34.46 39.59 -40.01
CA GLY A 31 34.69 38.49 -39.10
C GLY A 31 33.47 37.69 -38.73
N ASN A 32 32.33 37.94 -39.37
CA ASN A 32 31.08 37.26 -39.05
C ASN A 32 30.62 36.45 -40.25
N PHE A 33 30.40 35.15 -40.03
CA PHE A 33 29.90 34.27 -41.08
C PHE A 33 28.40 34.50 -41.28
N ARG A 34 27.93 34.17 -42.48
CA ARG A 34 26.55 34.43 -42.88
C ARG A 34 25.81 33.11 -43.09
N CYS A 35 24.68 32.95 -42.40
CA CYS A 35 23.74 31.89 -42.74
C CYS A 35 22.92 32.35 -43.94
N ASP A 36 22.52 31.39 -44.77
CA ASP A 36 21.86 31.72 -46.04
C ASP A 36 20.48 32.32 -45.86
N ASN A 37 19.92 32.30 -44.65
CA ASN A 37 18.61 32.88 -44.39
C ASN A 37 18.69 34.38 -44.11
N GLY A 38 19.88 34.98 -44.12
CA GLY A 38 20.04 36.38 -43.78
C GLY A 38 20.52 36.64 -42.37
N TYR A 39 20.95 35.61 -41.66
CA TYR A 39 21.43 35.75 -40.28
C TYR A 39 22.95 35.71 -40.28
N CYS A 40 23.56 36.73 -39.69
CA CYS A 40 25.01 36.82 -39.59
C CYS A 40 25.46 36.40 -38.20
N ILE A 41 26.40 35.45 -38.14
CA ILE A 41 26.90 34.93 -36.88
C ILE A 41 28.42 34.95 -36.89
N PRO A 42 29.02 34.99 -35.70
CA PRO A 42 30.49 35.06 -35.63
C PRO A 42 31.14 33.87 -36.33
N ALA A 43 32.20 34.17 -37.09
CA ALA A 43 32.85 33.15 -37.90
C ALA A 43 33.55 32.09 -37.06
N SER A 44 33.73 32.33 -35.75
CA SER A 44 34.30 31.31 -34.88
C SER A 44 33.41 30.08 -34.80
N TRP A 45 32.10 30.28 -34.96
CA TRP A 45 31.16 29.16 -34.92
C TRP A 45 31.33 28.22 -36.11
N ARG A 46 31.96 28.70 -37.18
CA ARG A 46 32.33 27.83 -38.29
C ARG A 46 33.24 26.71 -37.79
N CYS A 47 32.89 25.48 -38.16
CA CYS A 47 33.66 24.28 -37.86
C CYS A 47 33.84 24.04 -36.37
N ASP A 48 33.06 24.69 -35.51
CA ASP A 48 33.22 24.48 -34.07
C ASP A 48 32.61 23.17 -33.60
N GLY A 49 31.67 22.60 -34.36
CA GLY A 49 31.12 21.29 -34.07
C GLY A 49 29.61 21.23 -34.02
N THR A 50 28.93 22.35 -33.78
CA THR A 50 27.48 22.36 -33.60
C THR A 50 26.81 23.05 -34.79
N ARG A 51 25.65 22.55 -35.18
CA ARG A 51 24.90 23.09 -36.31
C ARG A 51 24.18 24.38 -35.92
N ASP A 52 24.91 25.50 -35.90
CA ASP A 52 24.39 26.72 -35.31
C ASP A 52 23.24 27.33 -36.10
N CYS A 53 23.39 27.49 -37.42
CA CYS A 53 22.38 28.16 -38.20
C CYS A 53 21.08 27.35 -38.21
N LEU A 54 20.00 28.02 -38.59
CA LEU A 54 18.76 27.29 -38.84
C LEU A 54 18.95 26.31 -39.99
N ASP A 55 19.71 26.71 -41.00
CA ASP A 55 20.20 25.78 -42.00
C ASP A 55 21.39 25.02 -41.42
N ASP A 56 21.83 23.98 -42.14
CA ASP A 56 22.96 23.18 -41.70
C ASP A 56 24.29 23.68 -42.28
N THR A 57 24.28 24.80 -43.00
CA THR A 57 25.49 25.31 -43.64
C THR A 57 26.55 25.76 -42.63
N ASP A 58 26.18 25.91 -41.36
CA ASP A 58 27.17 26.32 -40.37
C ASP A 58 28.23 25.24 -40.17
N GLU A 59 27.91 23.99 -40.47
CA GLU A 59 28.89 22.90 -40.41
C GLU A 59 29.10 22.20 -41.74
N ILE A 60 28.18 22.32 -42.69
CA ILE A 60 28.36 21.69 -43.99
C ILE A 60 29.52 22.36 -44.73
N GLY A 61 30.41 21.54 -45.27
CA GLY A 61 31.58 22.03 -45.94
C GLY A 61 32.82 22.18 -45.08
N CYS A 62 32.78 21.66 -43.86
CA CYS A 62 33.93 21.77 -42.98
C CYS A 62 34.97 20.70 -43.33
N PRO A 63 36.25 21.06 -43.39
CA PRO A 63 37.30 20.06 -43.61
C PRO A 63 37.46 19.16 -42.39
N PRO A 64 37.44 17.85 -42.57
CA PRO A 64 37.59 16.93 -41.43
C PRO A 64 38.98 17.04 -40.83
N ARG A 65 39.07 16.65 -39.55
CA ARG A 65 40.35 16.69 -38.84
C ARG A 65 41.35 15.73 -39.48
N SER A 66 42.58 16.21 -39.64
CA SER A 66 43.64 15.39 -40.22
C SER A 66 44.32 14.57 -39.14
N CYS A 67 44.37 13.25 -39.33
CA CYS A 67 44.92 12.36 -38.32
C CYS A 67 46.40 12.07 -38.56
N GLU A 68 46.71 11.42 -39.69
CA GLU A 68 48.07 10.99 -39.99
C GLU A 68 48.10 10.41 -41.39
N SER A 69 49.28 10.48 -42.01
CA SER A 69 49.47 9.87 -43.32
C SER A 69 49.58 8.36 -43.19
N GLY A 70 48.87 7.65 -44.07
CA GLY A 70 48.88 6.20 -44.06
C GLY A 70 48.06 5.55 -42.97
N LEU A 71 47.25 6.33 -42.24
CA LEU A 71 46.47 5.84 -41.11
C LEU A 71 45.06 6.43 -41.27
N PHE A 72 44.18 5.68 -41.93
CA PHE A 72 42.88 6.21 -42.32
C PHE A 72 42.00 6.43 -41.10
N LEU A 73 41.36 7.60 -41.05
CA LEU A 73 40.41 7.93 -39.99
C LEU A 73 39.01 7.57 -40.43
N CYS A 74 38.39 6.61 -39.76
CA CYS A 74 37.03 6.21 -40.11
C CYS A 74 36.03 7.14 -39.43
N PRO A 75 35.17 7.83 -40.19
CA PRO A 75 34.27 8.81 -39.57
C PRO A 75 33.22 8.21 -38.66
N ALA A 76 32.87 6.93 -38.84
CA ALA A 76 31.81 6.32 -38.03
C ALA A 76 32.21 6.19 -36.57
N GLU A 77 33.50 6.22 -36.26
CA GLU A 77 33.96 6.09 -34.87
C GLU A 77 34.92 7.18 -34.42
N GLY A 78 35.59 7.88 -35.33
CA GLY A 78 36.58 8.87 -34.92
C GLY A 78 37.93 8.30 -34.58
N THR A 79 38.28 7.13 -35.09
CA THR A 79 39.54 6.48 -34.82
C THR A 79 40.30 6.27 -36.12
N CYS A 80 41.62 6.17 -36.01
CA CYS A 80 42.51 6.02 -37.15
C CYS A 80 43.08 4.61 -37.18
N ILE A 81 43.06 3.98 -38.35
CA ILE A 81 43.40 2.57 -38.49
C ILE A 81 44.48 2.39 -39.54
N PRO A 82 45.45 1.49 -39.34
CA PRO A 82 46.48 1.27 -40.35
C PRO A 82 45.89 0.74 -41.65
N SER A 83 46.53 1.10 -42.77
CA SER A 83 46.05 0.73 -44.09
C SER A 83 46.15 -0.77 -44.35
N SER A 84 47.02 -1.49 -43.64
CA SER A 84 47.06 -2.95 -43.77
C SER A 84 45.77 -3.60 -43.29
N TRP A 85 45.20 -3.14 -42.18
CA TRP A 85 43.88 -3.59 -41.75
C TRP A 85 42.80 -3.11 -42.71
N VAL A 86 43.03 -1.94 -43.33
CA VAL A 86 42.11 -1.37 -44.30
C VAL A 86 42.09 -2.22 -45.57
N CYS A 87 40.89 -2.42 -46.12
CA CYS A 87 40.70 -3.20 -47.34
C CYS A 87 41.23 -4.62 -47.19
N ASP A 88 40.79 -5.31 -46.14
CA ASP A 88 41.04 -6.73 -45.95
C ASP A 88 39.71 -7.47 -45.98
N GLU A 89 38.63 -6.77 -46.35
CA GLU A 89 37.26 -7.27 -46.39
C GLU A 89 36.71 -7.44 -44.98
N ASP A 90 37.50 -7.07 -43.98
CA ASP A 90 37.00 -6.99 -42.61
C ASP A 90 36.54 -5.58 -42.31
N LYS A 91 35.24 -5.42 -42.07
CA LYS A 91 34.69 -4.11 -41.74
C LYS A 91 35.08 -3.74 -40.30
N ASP A 92 36.30 -3.22 -40.14
CA ASP A 92 36.83 -2.94 -38.81
C ASP A 92 36.00 -1.91 -38.06
N CYS A 93 35.59 -0.83 -38.73
CA CYS A 93 34.67 0.14 -38.17
C CYS A 93 33.24 -0.26 -38.48
N SER A 94 32.29 0.40 -37.80
CA SER A 94 30.89 0.04 -37.94
C SER A 94 30.40 0.23 -39.37
N ASP A 95 30.76 1.35 -40.00
CA ASP A 95 30.33 1.61 -41.37
C ASP A 95 30.93 0.62 -42.36
N GLY A 96 32.18 0.21 -42.15
CA GLY A 96 32.83 -0.68 -43.08
C GLY A 96 33.30 -0.03 -44.36
N ALA A 97 33.26 1.30 -44.45
CA ALA A 97 33.70 1.99 -45.65
C ALA A 97 35.20 1.82 -45.89
N ASP A 98 35.95 1.38 -44.88
CA ASP A 98 37.38 1.16 -45.07
C ASP A 98 37.67 0.03 -46.06
N GLU A 99 36.67 -0.78 -46.40
CA GLU A 99 36.84 -1.88 -47.33
C GLU A 99 36.27 -1.58 -48.72
N GLN A 100 35.56 -0.45 -48.87
CA GLN A 100 34.89 -0.16 -50.13
C GLN A 100 35.45 1.09 -50.81
N GLN A 101 35.49 2.21 -50.08
CA GLN A 101 35.91 3.47 -50.70
C GLN A 101 37.38 3.75 -50.48
N ASN A 102 37.99 3.15 -49.45
CA ASN A 102 39.40 3.41 -49.17
C ASN A 102 40.32 2.91 -50.28
N CYS A 103 39.93 1.84 -50.99
CA CYS A 103 40.69 1.33 -52.11
C CYS A 103 39.90 1.30 -53.41
N ALA A 104 38.96 2.21 -53.60
CA ALA A 104 38.19 2.28 -54.84
C ALA A 104 39.02 2.84 -55.99
N LYS A 3924 -24.70 30.23 28.62
CA LYS A 3924 -25.48 31.45 28.82
C LYS A 3924 -25.20 32.05 30.20
N PRO A 3925 -25.17 33.38 30.28
CA PRO A 3925 -24.98 34.00 31.61
C PRO A 3925 -26.10 33.67 32.57
N THR A 3926 -27.34 33.98 32.20
CA THR A 3926 -28.50 33.63 33.01
C THR A 3926 -29.65 33.00 32.22
N HIS A 3927 -29.62 33.04 30.89
CA HIS A 3927 -30.67 32.47 30.04
C HIS A 3927 -32.04 33.05 30.40
N LYS A 3928 -32.06 34.35 30.67
CA LYS A 3928 -33.28 35.10 30.95
C LYS A 3928 -34.12 34.43 32.05
N PRO A 3929 -33.68 34.51 33.31
CA PRO A 3929 -34.39 33.83 34.39
C PRO A 3929 -35.69 34.52 34.75
N CYS A 3930 -36.59 33.75 35.34
CA CYS A 3930 -37.90 34.26 35.72
C CYS A 3930 -37.83 35.03 37.03
N THR A 3931 -38.56 36.14 37.09
CA THR A 3931 -38.87 36.81 38.34
C THR A 3931 -40.29 36.46 38.76
N ASP A 3932 -40.80 37.13 39.79
CA ASP A 3932 -42.18 36.91 40.22
C ASP A 3932 -43.18 37.32 39.14
N THR A 3933 -42.77 38.18 38.21
CA THR A 3933 -43.67 38.65 37.16
C THR A 3933 -43.73 37.70 35.97
N GLU A 3934 -42.90 36.65 35.95
CA GLU A 3934 -42.86 35.72 34.84
C GLU A 3934 -43.48 34.38 35.24
N TYR A 3935 -43.45 33.42 34.31
CA TYR A 3935 -43.95 32.08 34.53
C TYR A 3935 -42.93 31.07 34.04
N LYS A 3936 -42.71 30.02 34.83
CA LYS A 3936 -41.68 29.03 34.50
C LYS A 3936 -42.12 28.10 33.38
N CYS A 3937 -43.43 27.89 33.23
CA CYS A 3937 -43.99 26.93 32.28
C CYS A 3937 -43.42 25.54 32.54
N SER A 3938 -42.72 24.97 31.55
CA SER A 3938 -42.19 23.62 31.70
C SER A 3938 -40.87 23.62 32.45
N ASN A 3939 -39.83 24.23 31.87
CA ASN A 3939 -38.53 24.24 32.56
C ASN A 3939 -37.74 25.53 32.37
N GLY A 3940 -38.36 26.69 32.22
CA GLY A 3940 -37.59 27.91 32.05
C GLY A 3940 -38.11 28.89 31.03
N ASN A 3941 -39.24 28.58 30.40
CA ASN A 3941 -39.83 29.47 29.38
C ASN A 3941 -40.41 30.71 30.05
N CYS A 3942 -39.53 31.68 30.31
CA CYS A 3942 -39.85 32.83 31.14
C CYS A 3942 -40.67 33.89 30.42
N ILE A 3943 -41.93 33.57 30.11
CA ILE A 3943 -42.89 34.56 29.65
C ILE A 3943 -43.59 35.10 30.89
N SER A 3944 -44.29 36.23 30.75
CA SER A 3944 -44.93 36.88 31.89
C SER A 3944 -45.88 35.93 32.61
N GLN A 3945 -46.23 36.31 33.84
CA GLN A 3945 -46.85 35.38 34.77
C GLN A 3945 -48.29 35.04 34.39
N HIS A 3946 -48.92 35.89 33.58
CA HIS A 3946 -50.37 35.80 33.37
C HIS A 3946 -50.77 34.56 32.58
N TYR A 3947 -49.83 33.66 32.32
CA TYR A 3947 -50.18 32.37 31.74
C TYR A 3947 -50.67 31.38 32.79
N VAL A 3948 -50.63 31.76 34.07
CA VAL A 3948 -50.97 30.85 35.16
C VAL A 3948 -52.42 30.41 35.08
N CYS A 3949 -52.64 29.12 34.78
CA CYS A 3949 -53.94 28.45 34.79
C CYS A 3949 -55.08 29.28 34.20
N ASP A 3950 -54.85 29.94 33.07
CA ASP A 3950 -55.96 30.48 32.32
C ASP A 3950 -56.62 29.43 31.44
N ASN A 3951 -56.24 28.15 31.62
CA ASN A 3951 -56.79 27.03 30.86
C ASN A 3951 -56.49 27.16 29.38
N VAL A 3952 -55.38 27.78 29.04
CA VAL A 3952 -54.93 27.95 27.65
C VAL A 3952 -53.47 27.52 27.56
N ASN A 3953 -53.14 26.74 26.54
CA ASN A 3953 -51.76 26.31 26.30
C ASN A 3953 -51.00 27.43 25.63
N ASP A 3954 -50.69 28.47 26.41
CA ASP A 3954 -49.98 29.63 25.89
C ASP A 3954 -48.49 29.35 25.71
N CYS A 3955 -47.90 28.55 26.59
CA CYS A 3955 -46.46 28.33 26.56
C CYS A 3955 -46.00 27.61 25.29
N GLY A 3956 -46.90 26.92 24.60
CA GLY A 3956 -46.50 26.10 23.46
C GLY A 3956 -46.13 24.70 23.89
N ASP A 3957 -45.18 24.59 24.82
CA ASP A 3957 -44.97 23.31 25.50
C ASP A 3957 -46.20 22.98 26.33
N LEU A 3958 -46.64 21.72 26.27
CA LEU A 3958 -47.87 21.30 26.95
C LEU A 3958 -47.59 21.14 28.44
N SER A 3959 -47.12 22.24 29.05
CA SER A 3959 -46.92 22.29 30.49
C SER A 3959 -47.34 23.64 31.06
N ASP A 3960 -48.09 24.45 30.31
CA ASP A 3960 -48.51 25.76 30.80
C ASP A 3960 -49.42 25.63 32.02
N GLU A 3961 -50.31 24.64 32.02
CA GLU A 3961 -51.21 24.38 33.13
C GLU A 3961 -50.77 23.11 33.85
N THR A 3962 -50.21 23.29 35.05
CA THR A 3962 -49.87 22.18 35.92
C THR A 3962 -50.66 22.33 37.20
N GLY A 3963 -51.32 21.26 37.64
CA GLY A 3963 -52.28 21.38 38.71
C GLY A 3963 -53.54 22.05 38.21
N CYS A 3964 -53.75 23.29 38.61
CA CYS A 3964 -54.84 24.14 38.09
C CYS A 3964 -56.21 23.52 38.39
N ASN A 3965 -56.47 23.32 39.67
CA ASN A 3965 -57.80 22.92 40.14
C ASN A 3965 -58.46 24.12 40.79
N LEU A 3966 -59.58 24.56 40.21
CA LEU A 3966 -60.16 25.85 40.54
C LEU A 3966 -60.77 25.86 41.94
N GLY A 3967 -60.90 27.06 42.50
CA GLY A 3967 -61.35 27.28 43.86
C GLY A 3967 -60.51 28.32 44.56
N ASP A 3968 -61.15 29.39 45.04
CA ASP A 3968 -60.40 30.56 45.49
C ASP A 3968 -59.74 30.34 46.85
N ASN A 3969 -60.34 29.52 47.71
CA ASN A 3969 -59.89 29.38 49.09
C ASN A 3969 -58.81 28.30 49.27
N ARG A 3970 -57.71 28.38 48.53
CA ARG A 3970 -56.67 27.37 48.63
C ARG A 3970 -55.28 27.97 48.48
N THR A 3971 -54.34 27.42 49.25
CA THR A 3971 -52.92 27.55 49.02
C THR A 3971 -52.28 26.18 49.24
N CYS A 3972 -51.38 25.79 48.33
CA CYS A 3972 -50.79 24.45 48.43
C CYS A 3972 -49.72 24.38 49.50
N ALA A 3973 -49.48 25.47 50.23
CA ALA A 3973 -48.61 25.43 51.39
C ALA A 3973 -49.21 24.53 52.46
N GLU A 3974 -50.50 24.23 52.32
CA GLU A 3974 -51.20 23.23 53.12
C GLU A 3974 -50.83 21.81 52.77
N ASN A 3975 -49.78 21.62 51.96
CA ASN A 3975 -49.38 20.31 51.44
C ASN A 3975 -50.46 19.72 50.52
N ILE A 3976 -50.88 20.53 49.54
CA ILE A 3976 -51.73 20.03 48.48
C ILE A 3976 -50.92 19.53 47.29
N CYS A 3977 -49.80 20.19 46.99
CA CYS A 3977 -48.85 19.70 46.00
C CYS A 3977 -47.51 19.45 46.68
N GLU A 3978 -46.65 18.67 46.01
CA GLU A 3978 -45.39 18.28 46.62
C GLU A 3978 -44.48 19.48 46.86
N GLN A 3979 -44.03 20.13 45.79
CA GLN A 3979 -42.96 21.11 45.93
C GLN A 3979 -43.07 22.20 44.87
N ASN A 3980 -42.65 23.41 45.26
CA ASN A 3980 -42.45 24.54 44.34
C ASN A 3980 -43.70 24.85 43.52
N CYS A 3981 -44.74 25.29 44.23
CA CYS A 3981 -45.95 25.78 43.60
C CYS A 3981 -45.74 27.15 42.98
N THR A 3982 -46.81 27.68 42.42
CA THR A 3982 -47.05 29.10 42.28
C THR A 3982 -48.50 29.36 42.64
N GLN A 3983 -48.78 30.52 43.24
CA GLN A 3983 -50.12 30.78 43.73
C GLN A 3983 -51.08 31.00 42.58
N LEU A 3984 -52.13 30.16 42.52
CA LEU A 3984 -53.17 30.31 41.51
C LEU A 3984 -54.14 31.38 41.99
N SER A 3985 -54.47 32.33 41.11
CA SER A 3985 -55.32 33.45 41.46
C SER A 3985 -56.74 33.02 41.85
N SER A 3986 -57.24 31.91 41.29
CA SER A 3986 -58.61 31.47 41.60
C SER A 3986 -58.69 29.96 41.78
N GLY A 3987 -57.55 29.29 41.94
CA GLY A 3987 -57.56 27.86 42.12
C GLY A 3987 -56.53 27.36 43.11
N GLY A 3988 -55.86 28.28 43.78
CA GLY A 3988 -54.92 27.90 44.82
C GLY A 3988 -53.53 27.54 44.33
N PHE A 3989 -53.41 26.46 43.56
CA PHE A 3989 -52.11 25.89 43.23
C PHE A 3989 -51.95 25.73 41.72
N ILE A 3990 -50.86 26.28 41.19
CA ILE A 3990 -50.27 25.82 39.94
C ILE A 3990 -48.87 25.30 40.28
N CYS A 3991 -48.64 24.02 40.02
CA CYS A 3991 -47.51 23.30 40.58
C CYS A 3991 -46.67 22.64 39.48
N SER A 3992 -45.66 23.36 39.01
CA SER A 3992 -44.71 22.79 38.09
C SER A 3992 -43.63 22.04 38.85
N CYS A 3993 -43.13 20.96 38.26
CA CYS A 3993 -42.14 20.12 38.92
C CYS A 3993 -40.81 20.85 39.07
N ARG A 3994 -40.15 20.63 40.20
CA ARG A 3994 -38.80 21.15 40.40
C ARG A 3994 -37.85 20.48 39.42
N PRO A 3995 -36.73 21.14 39.09
CA PRO A 3995 -35.85 20.60 38.05
C PRO A 3995 -35.34 19.21 38.39
N GLY A 3996 -35.26 18.36 37.36
CA GLY A 3996 -34.90 16.97 37.52
C GLY A 3996 -36.05 16.02 37.70
N PHE A 3997 -37.30 16.49 37.58
CA PHE A 3997 -38.47 15.67 37.80
C PHE A 3997 -39.51 15.96 36.73
N LYS A 3998 -40.41 15.00 36.54
CA LYS A 3998 -41.53 15.13 35.62
C LYS A 3998 -42.81 14.76 36.34
N PRO A 3999 -43.94 15.36 35.97
CA PRO A 3999 -45.19 15.05 36.66
C PRO A 3999 -45.74 13.69 36.26
N SER A 4000 -46.32 13.00 37.22
CA SER A 4000 -46.95 11.71 36.95
C SER A 4000 -48.29 11.91 36.23
N THR A 4001 -48.72 10.88 35.52
CA THR A 4001 -50.00 10.93 34.82
C THR A 4001 -51.14 11.10 35.82
N LEU A 4002 -51.35 10.13 36.69
CA LEU A 4002 -52.28 10.26 37.80
C LEU A 4002 -51.58 10.95 38.96
N ASP A 4003 -52.30 11.85 39.63
CA ASP A 4003 -51.74 12.67 40.70
C ASP A 4003 -50.54 13.45 40.18
N LYS A 4004 -50.85 14.36 39.26
CA LYS A 4004 -49.83 15.22 38.65
C LYS A 4004 -49.12 16.10 39.67
N ASN A 4005 -49.71 16.29 40.85
CA ASN A 4005 -49.05 17.05 41.91
C ASN A 4005 -47.83 16.34 42.47
N SER A 4006 -47.64 15.06 42.17
CA SER A 4006 -46.46 14.32 42.56
C SER A 4006 -45.56 14.17 41.34
N CYS A 4007 -44.26 14.45 41.53
CA CYS A 4007 -43.31 14.52 40.44
C CYS A 4007 -42.44 13.26 40.44
N GLN A 4008 -42.31 12.64 39.28
CA GLN A 4008 -41.49 11.45 39.13
C GLN A 4008 -40.06 11.84 38.78
N ASP A 4009 -39.10 11.19 39.43
CA ASP A 4009 -37.70 11.44 39.13
C ASP A 4009 -37.36 10.90 37.75
N ILE A 4010 -36.54 11.67 37.02
CA ILE A 4010 -36.10 11.24 35.69
C ILE A 4010 -35.11 10.09 35.85
N ASN A 4011 -34.95 9.31 34.78
CA ASN A 4011 -33.88 8.32 34.69
C ASN A 4011 -32.90 8.83 33.64
N GLU A 4012 -31.85 9.50 34.10
CA GLU A 4012 -30.90 10.16 33.21
C GLU A 4012 -29.80 9.22 32.72
N CYS A 4013 -29.77 7.97 33.19
CA CYS A 4013 -28.85 7.00 32.64
C CYS A 4013 -29.38 6.37 31.35
N GLU A 4014 -30.68 6.50 31.08
CA GLU A 4014 -31.28 5.87 29.92
C GLU A 4014 -30.97 6.62 28.63
N GLU A 4015 -30.90 7.96 28.68
CA GLU A 4015 -30.70 8.75 27.47
C GLU A 4015 -29.35 8.41 26.84
N PHE A 4016 -29.36 8.14 25.53
CA PHE A 4016 -28.17 7.68 24.85
C PHE A 4016 -27.12 8.78 24.79
N GLY A 4017 -25.86 8.39 24.97
CA GLY A 4017 -24.77 9.34 24.86
C GLY A 4017 -24.72 10.40 25.93
N ILE A 4018 -24.99 10.05 27.18
CA ILE A 4018 -24.93 11.03 28.26
C ILE A 4018 -23.53 11.06 28.88
N CYS A 4019 -22.91 9.90 29.05
CA CYS A 4019 -21.58 9.80 29.64
C CYS A 4019 -20.79 8.76 28.87
N PRO A 4020 -19.47 8.89 28.79
CA PRO A 4020 -18.69 7.92 28.01
C PRO A 4020 -18.83 6.47 28.45
N GLN A 4021 -18.98 6.19 29.75
CA GLN A 4021 -18.89 4.79 30.16
C GLN A 4021 -20.03 4.30 31.04
N SER A 4022 -20.59 5.15 31.89
CA SER A 4022 -21.51 4.65 32.91
C SER A 4022 -22.41 5.78 33.37
N CYS A 4023 -23.23 5.49 34.39
CA CYS A 4023 -24.12 6.46 35.00
C CYS A 4023 -24.67 5.87 36.29
N ARG A 4024 -25.15 6.76 37.16
CA ARG A 4024 -25.82 6.37 38.41
C ARG A 4024 -27.00 7.31 38.61
N ASN A 4025 -28.20 6.85 38.27
CA ASN A 4025 -29.38 7.68 38.48
C ASN A 4025 -29.57 7.96 39.95
N SER A 4026 -29.88 9.22 40.27
CA SER A 4026 -30.10 9.64 41.64
C SER A 4026 -31.32 10.55 41.69
N LYS A 4027 -31.59 11.08 42.88
CA LYS A 4027 -32.79 11.88 43.10
C LYS A 4027 -32.70 13.22 42.38
N GLY A 4028 -33.35 13.34 41.24
CA GLY A 4028 -33.37 14.57 40.49
C GLY A 4028 -32.01 14.96 39.93
N SER A 4029 -31.08 14.01 39.91
CA SER A 4029 -29.73 14.25 39.44
C SER A 4029 -29.14 12.94 38.94
N TYR A 4030 -27.89 12.98 38.52
CA TYR A 4030 -27.21 11.78 38.06
C TYR A 4030 -25.72 11.93 38.32
N GLU A 4031 -25.05 10.79 38.45
CA GLU A 4031 -23.60 10.74 38.56
C GLU A 4031 -23.06 9.66 37.65
N CYS A 4032 -22.00 9.98 36.93
CA CYS A 4032 -21.41 9.04 35.99
C CYS A 4032 -19.92 8.95 36.25
N PHE A 4033 -19.36 7.77 35.99
CA PHE A 4033 -18.01 7.44 36.40
C PHE A 4033 -17.35 6.55 35.37
N CYS A 4034 -16.03 6.43 35.48
CA CYS A 4034 -15.29 5.50 34.65
C CYS A 4034 -15.19 4.15 35.35
N VAL A 4035 -15.46 3.08 34.61
CA VAL A 4035 -15.39 1.72 35.14
C VAL A 4035 -13.94 1.35 35.41
N ASP A 4036 -13.72 0.22 36.08
CA ASP A 4036 -12.39 -0.21 36.45
C ASP A 4036 -11.46 -0.22 35.24
N GLY A 4037 -10.21 0.18 35.47
CA GLY A 4037 -9.22 0.25 34.42
C GLY A 4037 -9.18 1.55 33.64
N PHE A 4038 -10.10 2.47 33.91
CA PHE A 4038 -10.17 3.74 33.18
C PHE A 4038 -10.06 4.89 34.16
N LYS A 4039 -9.36 5.94 33.75
CA LYS A 4039 -9.07 7.09 34.59
C LYS A 4039 -9.86 8.30 34.09
N SER A 4040 -10.45 9.04 35.02
CA SER A 4040 -11.26 10.19 34.65
C SER A 4040 -10.39 11.32 34.12
N MET A 4041 -10.74 11.83 32.94
CA MET A 4041 -10.05 12.98 32.36
C MET A 4041 -11.09 13.88 31.71
N SER A 4042 -10.72 15.13 31.50
CA SER A 4042 -11.59 16.13 30.91
C SER A 4042 -10.88 16.80 29.74
N THR A 4043 -11.45 16.68 28.55
CA THR A 4043 -10.92 17.37 27.39
C THR A 4043 -11.52 18.77 27.28
N HIS A 4044 -11.17 19.47 26.20
CA HIS A 4044 -11.77 20.79 25.97
C HIS A 4044 -13.27 20.67 25.73
N TYR A 4045 -13.73 19.52 25.23
CA TYR A 4045 -15.16 19.29 25.10
C TYR A 4045 -15.76 18.89 26.45
N GLY A 4046 -15.20 17.86 27.07
CA GLY A 4046 -15.73 17.39 28.33
C GLY A 4046 -15.08 16.09 28.74
N GLU A 4047 -15.93 15.16 29.18
CA GLU A 4047 -15.48 13.97 29.88
C GLU A 4047 -14.70 13.03 28.95
N ARG A 4048 -13.73 12.33 29.53
CA ARG A 4048 -13.01 11.26 28.86
C ARG A 4048 -12.51 10.27 29.92
N CYS A 4049 -12.68 8.98 29.64
CA CYS A 4049 -12.23 7.91 30.52
C CYS A 4049 -11.02 7.25 29.85
N ALA A 4050 -9.82 7.68 30.23
CA ALA A 4050 -8.61 7.20 29.59
C ALA A 4050 -8.28 5.79 30.06
N ALA A 4051 -8.00 4.91 29.12
CA ALA A 4051 -7.61 3.54 29.44
C ALA A 4051 -6.20 3.53 30.02
N ASP A 4052 -5.98 2.70 31.04
CA ASP A 4052 -4.66 2.59 31.65
C ASP A 4052 -3.77 1.66 30.84
N GLY A 4053 -2.49 1.63 31.20
CA GLY A 4053 -1.55 0.78 30.53
C GLY A 4053 -1.02 1.38 29.25
N SER A 4054 -0.38 0.52 28.46
CA SER A 4054 0.21 0.96 27.20
C SER A 4054 -0.88 1.45 26.24
N PRO A 4055 -0.58 2.44 25.41
CA PRO A 4055 -1.58 3.02 24.52
C PRO A 4055 -2.07 1.99 23.50
N PRO A 4056 -3.29 2.16 23.00
CA PRO A 4056 -3.85 1.16 22.08
C PRO A 4056 -3.13 1.15 20.74
N LEU A 4057 -3.14 0.00 20.08
CA LEU A 4057 -2.55 -0.15 18.76
C LEU A 4057 -3.62 -0.45 17.73
N LEU A 4058 -3.26 -0.25 16.46
CA LEU A 4058 -4.09 -0.62 15.33
C LEU A 4058 -3.38 -1.67 14.49
N LEU A 4059 -4.12 -2.71 14.13
CA LEU A 4059 -3.61 -3.77 13.27
C LEU A 4059 -4.27 -3.67 11.90
N LEU A 4060 -3.46 -3.47 10.87
CA LEU A 4060 -3.95 -3.25 9.51
C LEU A 4060 -3.56 -4.43 8.63
N PRO A 4061 -4.49 -5.35 8.34
CA PRO A 4061 -4.16 -6.47 7.46
C PRO A 4061 -4.37 -6.10 5.99
N GLU A 4062 -3.33 -6.27 5.19
CA GLU A 4062 -3.42 -6.15 3.75
C GLU A 4062 -3.20 -7.52 3.13
N ASN A 4063 -3.39 -7.60 1.81
CA ASN A 4063 -3.28 -8.88 1.12
C ASN A 4063 -1.89 -9.47 1.21
N VAL A 4064 -0.89 -8.65 1.55
CA VAL A 4064 0.49 -9.12 1.59
C VAL A 4064 1.06 -9.14 3.01
N ARG A 4065 0.64 -8.24 3.88
CA ARG A 4065 1.28 -8.09 5.19
C ARG A 4065 0.27 -7.58 6.20
N ILE A 4066 0.70 -7.58 7.46
CA ILE A 4066 -0.05 -6.99 8.56
C ILE A 4066 0.85 -5.95 9.23
N ARG A 4067 0.33 -4.74 9.42
CA ARG A 4067 1.11 -3.63 9.95
C ARG A 4067 0.55 -3.19 11.30
N LYS A 4068 1.46 -2.98 12.25
CA LYS A 4068 1.09 -2.42 13.54
C LYS A 4068 1.13 -0.90 13.48
N TYR A 4069 0.45 -0.25 14.43
CA TYR A 4069 0.44 1.20 14.50
C TYR A 4069 0.24 1.67 15.93
N ASN A 4070 1.03 2.66 16.36
CA ASN A 4070 0.92 3.19 17.74
C ASN A 4070 0.14 4.51 17.72
N THR A 4071 -1.15 4.47 18.03
CA THR A 4071 -2.03 5.64 17.98
C THR A 4071 -1.48 6.80 18.77
N SER A 4072 -0.54 6.56 19.69
CA SER A 4072 0.07 7.63 20.48
C SER A 4072 1.41 8.10 19.94
N SER A 4073 2.19 7.21 19.32
CA SER A 4073 3.48 7.59 18.77
C SER A 4073 3.44 7.90 17.28
N GLU A 4074 2.45 7.36 16.56
CA GLU A 4074 2.23 7.56 15.14
C GLU A 4074 3.27 6.89 14.25
N LYS A 4075 4.06 5.97 14.77
CA LYS A 4075 5.02 5.22 13.96
C LYS A 4075 4.49 3.81 13.68
N PHE A 4076 4.68 3.36 12.44
CA PHE A 4076 4.30 2.02 12.04
C PHE A 4076 5.29 1.00 12.63
N SER A 4077 4.99 -0.28 12.37
CA SER A 4077 5.88 -1.37 12.72
C SER A 4077 5.64 -2.49 11.71
N GLU A 4078 6.63 -3.37 11.57
CA GLU A 4078 6.61 -4.31 10.44
C GLU A 4078 5.62 -5.44 10.67
N TYR A 4079 5.75 -6.18 11.78
CA TYR A 4079 5.06 -7.44 11.97
C TYR A 4079 5.19 -8.36 10.76
N LEU A 4080 4.10 -9.03 10.41
CA LEU A 4080 4.14 -10.15 9.48
C LEU A 4080 4.23 -9.64 8.06
N GLU A 4081 5.08 -10.29 7.25
CA GLU A 4081 5.32 -9.88 5.88
C GLU A 4081 5.35 -11.11 4.99
N GLU A 4082 5.35 -10.87 3.68
CA GLU A 4082 5.55 -11.90 2.65
C GLU A 4082 4.35 -12.83 2.49
N GLU A 4083 3.36 -12.73 3.37
CA GLU A 4083 2.17 -13.56 3.27
C GLU A 4083 1.35 -13.13 2.05
N GLU A 4084 0.30 -13.89 1.74
CA GLU A 4084 -0.52 -13.58 0.58
C GLU A 4084 -1.99 -13.82 0.91
N HIS A 4085 -2.84 -12.91 0.44
CA HIS A 4085 -4.30 -13.07 0.49
C HIS A 4085 -4.80 -13.16 1.93
N ILE A 4086 -4.37 -12.22 2.77
CA ILE A 4086 -4.93 -12.11 4.11
C ILE A 4086 -6.23 -11.33 4.03
N GLN A 4087 -7.26 -11.81 4.74
CA GLN A 4087 -8.58 -11.21 4.68
C GLN A 4087 -8.98 -10.55 6.00
N THR A 4088 -8.99 -11.29 7.11
CA THR A 4088 -9.45 -10.75 8.37
C THR A 4088 -8.66 -11.37 9.52
N ILE A 4089 -8.57 -10.64 10.62
CA ILE A 4089 -7.74 -11.04 11.75
C ILE A 4089 -8.53 -10.90 13.05
N ASP A 4090 -8.01 -11.56 14.09
CA ASP A 4090 -8.45 -11.37 15.46
C ASP A 4090 -7.35 -11.91 16.37
N TYR A 4091 -7.37 -11.47 17.62
CA TYR A 4091 -6.27 -11.79 18.52
C TYR A 4091 -6.80 -12.29 19.87
N ASP A 4092 -5.88 -12.87 20.65
CA ASP A 4092 -6.16 -13.37 21.99
C ASP A 4092 -5.07 -12.81 22.91
N TRP A 4093 -5.45 -11.95 23.84
CA TRP A 4093 -4.47 -11.18 24.59
C TRP A 4093 -3.75 -12.04 25.62
N ASP A 4094 -2.42 -12.15 25.47
CA ASP A 4094 -1.48 -12.67 26.46
C ASP A 4094 -2.00 -13.90 27.21
N PRO A 4095 -2.14 -15.05 26.55
CA PRO A 4095 -2.68 -16.22 27.26
C PRO A 4095 -1.77 -16.73 28.35
N GLU A 4096 -0.46 -16.84 28.10
CA GLU A 4096 0.45 -17.47 29.03
C GLU A 4096 1.12 -16.49 30.00
N HIS A 4097 0.72 -15.22 29.98
CA HIS A 4097 1.38 -14.15 30.72
C HIS A 4097 2.84 -13.98 30.33
N ILE A 4098 3.25 -14.56 29.19
CA ILE A 4098 4.62 -14.44 28.73
C ILE A 4098 4.91 -13.05 28.19
N GLY A 4099 3.89 -12.22 28.03
CA GLY A 4099 4.04 -10.90 27.45
C GLY A 4099 3.77 -10.83 25.97
N LEU A 4100 3.22 -11.88 25.37
CA LEU A 4100 2.99 -11.92 23.93
C LEU A 4100 1.59 -12.45 23.68
N SER A 4101 0.73 -11.64 23.09
CA SER A 4101 -0.56 -12.12 22.64
C SER A 4101 -0.37 -12.95 21.36
N VAL A 4102 -1.48 -13.48 20.84
CA VAL A 4102 -1.46 -14.30 19.64
C VAL A 4102 -2.48 -13.74 18.67
N VAL A 4103 -2.04 -13.50 17.43
CA VAL A 4103 -2.88 -12.94 16.37
C VAL A 4103 -3.27 -14.05 15.42
N TYR A 4104 -4.58 -14.22 15.21
CA TYR A 4104 -5.11 -15.16 14.24
C TYR A 4104 -5.57 -14.40 13.01
N TYR A 4105 -5.33 -14.97 11.83
CA TYR A 4105 -5.74 -14.32 10.60
C TYR A 4105 -6.12 -15.38 9.58
N THR A 4106 -7.10 -15.06 8.75
CA THR A 4106 -7.57 -15.96 7.71
C THR A 4106 -6.85 -15.67 6.40
N VAL A 4107 -6.63 -16.72 5.63
CA VAL A 4107 -5.99 -16.62 4.32
C VAL A 4107 -6.96 -17.15 3.27
N LEU A 4108 -7.22 -16.34 2.25
CA LEU A 4108 -8.19 -16.71 1.22
C LEU A 4108 -7.67 -17.85 0.37
N ALA A 4109 -8.57 -18.41 -0.43
CA ALA A 4109 -8.17 -19.40 -1.42
C ALA A 4109 -7.65 -18.71 -2.67
N GLN A 4110 -6.49 -19.14 -3.14
CA GLN A 4110 -5.84 -18.55 -4.29
C GLN A 4110 -5.78 -19.56 -5.42
N GLY A 4111 -6.23 -19.14 -6.60
CA GLY A 4111 -6.29 -20.05 -7.73
C GLY A 4111 -7.25 -21.19 -7.44
N SER A 4112 -6.76 -22.42 -7.57
CA SER A 4112 -7.55 -23.59 -7.22
C SER A 4112 -6.92 -24.28 -6.01
N GLN A 4113 -6.43 -23.48 -5.06
CA GLN A 4113 -5.81 -24.00 -3.84
C GLN A 4113 -6.55 -23.45 -2.64
N PHE A 4114 -6.79 -24.31 -1.65
CA PHE A 4114 -7.56 -23.91 -0.48
C PHE A 4114 -6.79 -22.91 0.37
N GLY A 4115 -7.54 -22.17 1.18
CA GLY A 4115 -6.97 -21.23 2.12
C GLY A 4115 -6.69 -21.89 3.45
N ALA A 4116 -6.44 -21.06 4.45
CA ALA A 4116 -6.11 -21.56 5.78
C ALA A 4116 -6.30 -20.46 6.81
N ILE A 4117 -6.30 -20.86 8.08
CA ILE A 4117 -6.34 -19.95 9.21
C ILE A 4117 -5.02 -20.08 9.94
N LYS A 4118 -4.28 -18.99 10.05
CA LYS A 4118 -2.94 -19.01 10.62
C LYS A 4118 -2.88 -18.10 11.83
N ARG A 4119 -2.04 -18.50 12.79
CA ARG A 4119 -1.86 -17.77 14.03
C ARG A 4119 -0.37 -17.51 14.27
N ALA A 4120 -0.09 -16.43 15.00
CA ALA A 4120 1.29 -16.06 15.28
C ALA A 4120 1.33 -15.16 16.50
N TYR A 4121 2.47 -15.19 17.20
CA TYR A 4121 2.67 -14.34 18.36
C TYR A 4121 2.78 -12.87 17.94
N ILE A 4122 2.45 -11.98 18.87
CA ILE A 4122 2.65 -10.55 18.69
C ILE A 4122 3.32 -10.01 19.95
N PRO A 4123 4.41 -9.26 19.85
CA PRO A 4123 4.99 -8.65 21.05
C PRO A 4123 4.13 -7.50 21.55
N ASN A 4124 3.60 -7.67 22.75
CA ASN A 4124 2.82 -6.57 23.35
C ASN A 4124 3.76 -5.38 23.48
N PHE A 4125 5.01 -5.62 23.86
CA PHE A 4125 6.01 -4.54 24.04
C PHE A 4125 6.48 -4.06 22.66
N GLU A 4126 6.96 -2.81 22.58
CA GLU A 4126 7.37 -2.25 21.27
C GLU A 4126 8.58 -3.03 20.73
N SER A 4127 8.48 -3.54 19.50
CA SER A 4127 9.59 -4.30 18.89
C SER A 4127 9.33 -4.41 17.39
N GLY A 4128 10.37 -4.60 16.57
CA GLY A 4128 10.15 -4.63 15.15
C GLY A 4128 11.45 -4.82 14.40
N SER A 4129 11.46 -5.75 13.43
CA SER A 4129 12.62 -6.06 12.61
C SER A 4129 13.73 -6.70 13.41
N ASN A 4130 13.54 -6.83 14.73
CA ASN A 4130 14.51 -7.51 15.57
C ASN A 4130 14.03 -8.90 15.99
N ASN A 4131 12.72 -9.15 15.92
CA ASN A 4131 12.16 -10.46 16.16
C ASN A 4131 11.57 -11.00 14.88
N PRO A 4132 12.16 -12.03 14.27
CA PRO A 4132 11.48 -12.70 13.16
C PRO A 4132 10.14 -13.26 13.62
N ILE A 4133 9.14 -13.13 12.76
CA ILE A 4133 7.77 -13.56 13.07
C ILE A 4133 7.52 -14.89 12.38
N ARG A 4134 7.19 -15.90 13.17
CA ARG A 4134 6.96 -17.26 12.66
C ARG A 4134 5.47 -17.57 12.76
N GLU A 4135 4.83 -17.74 11.61
CA GLU A 4135 3.43 -18.12 11.60
C GLU A 4135 3.30 -19.64 11.49
N VAL A 4136 2.18 -20.15 12.00
CA VAL A 4136 1.87 -21.57 11.94
C VAL A 4136 0.44 -21.73 11.42
N ASP A 4137 0.15 -22.92 10.91
CA ASP A 4137 -1.13 -23.21 10.30
C ASP A 4137 -1.93 -24.12 11.23
N LEU A 4138 -3.21 -23.80 11.40
CA LEU A 4138 -4.08 -24.63 12.24
C LEU A 4138 -4.41 -25.97 11.60
N GLY A 4139 -4.52 -26.02 10.28
CA GLY A 4139 -4.85 -27.26 9.61
C GLY A 4139 -6.34 -27.46 9.37
N LEU A 4140 -7.01 -26.45 8.82
CA LEU A 4140 -8.43 -26.54 8.51
C LEU A 4140 -8.59 -26.67 7.00
N LYS A 4141 -8.99 -27.85 6.55
CA LYS A 4141 -9.16 -28.08 5.12
C LYS A 4141 -10.55 -27.64 4.68
N TYR A 4142 -10.80 -27.75 3.37
CA TYR A 4142 -12.09 -27.38 2.78
C TYR A 4142 -12.46 -25.94 3.09
N LEU A 4143 -11.46 -25.05 3.07
CA LEU A 4143 -11.63 -23.66 3.45
C LEU A 4143 -11.35 -22.78 2.25
N MET A 4144 -12.33 -21.96 1.87
CA MET A 4144 -12.22 -21.12 0.67
C MET A 4144 -12.18 -19.63 0.99
N GLN A 4145 -13.20 -19.09 1.65
CA GLN A 4145 -13.32 -17.65 1.88
C GLN A 4145 -13.75 -17.37 3.31
N PRO A 4146 -12.81 -17.38 4.25
CA PRO A 4146 -13.14 -17.04 5.64
C PRO A 4146 -13.19 -15.52 5.88
N ASP A 4147 -14.32 -14.92 5.51
CA ASP A 4147 -14.48 -13.48 5.67
C ASP A 4147 -14.68 -13.06 7.12
N GLY A 4148 -15.12 -13.98 7.98
CA GLY A 4148 -15.34 -13.65 9.38
C GLY A 4148 -14.52 -14.49 10.33
N LEU A 4149 -13.85 -13.84 11.28
CA LEU A 4149 -13.07 -14.54 12.29
C LEU A 4149 -13.27 -13.87 13.64
N ALA A 4150 -13.42 -14.67 14.68
CA ALA A 4150 -13.59 -14.16 16.03
C ALA A 4150 -12.99 -15.15 17.02
N VAL A 4151 -12.38 -14.62 18.07
CA VAL A 4151 -11.71 -15.44 19.08
C VAL A 4151 -12.45 -15.28 20.39
N ASP A 4152 -12.93 -16.40 20.93
CA ASP A 4152 -13.58 -16.42 22.25
C ASP A 4152 -12.47 -16.65 23.28
N TRP A 4153 -12.12 -15.59 24.00
CA TRP A 4153 -11.00 -15.67 24.94
C TRP A 4153 -11.36 -16.41 26.22
N VAL A 4154 -12.66 -16.57 26.51
CA VAL A 4154 -13.07 -17.20 27.76
C VAL A 4154 -13.13 -18.72 27.62
N GLY A 4155 -13.94 -19.21 26.67
CA GLY A 4155 -14.03 -20.65 26.48
C GLY A 4155 -12.88 -21.23 25.68
N ARG A 4156 -11.99 -20.38 25.16
CA ARG A 4156 -10.85 -20.80 24.34
C ARG A 4156 -11.33 -21.54 23.09
N HIS A 4157 -12.27 -20.92 22.38
CA HIS A 4157 -12.71 -21.39 21.07
C HIS A 4157 -12.54 -20.28 20.05
N ILE A 4158 -12.44 -20.68 18.78
CA ILE A 4158 -12.35 -19.75 17.67
C ILE A 4158 -13.54 -19.97 16.75
N TYR A 4159 -14.30 -18.90 16.51
CA TYR A 4159 -15.46 -18.95 15.62
C TYR A 4159 -15.14 -18.25 14.32
N TRP A 4160 -15.44 -18.90 13.20
CA TRP A 4160 -15.24 -18.30 11.90
C TRP A 4160 -16.41 -18.68 10.99
N SER A 4161 -16.61 -17.86 9.97
CA SER A 4161 -17.60 -18.13 8.94
C SER A 4161 -16.90 -18.32 7.60
N ASP A 4162 -17.62 -18.91 6.65
CA ASP A 4162 -17.11 -19.11 5.31
C ASP A 4162 -18.20 -18.75 4.31
N ALA A 4163 -17.91 -17.77 3.45
CA ALA A 4163 -18.90 -17.33 2.48
C ALA A 4163 -19.22 -18.42 1.48
N LYS A 4164 -18.21 -19.16 1.01
CA LYS A 4164 -18.43 -20.19 0.01
C LYS A 4164 -19.25 -21.34 0.57
N SER A 4165 -18.89 -21.83 1.75
CA SER A 4165 -19.63 -22.94 2.34
C SER A 4165 -20.95 -22.52 2.94
N GLN A 4166 -21.19 -21.23 3.12
CA GLN A 4166 -22.45 -20.71 3.68
C GLN A 4166 -22.73 -21.27 5.06
N ARG A 4167 -21.68 -21.51 5.86
CA ARG A 4167 -21.86 -22.09 7.18
C ARG A 4167 -20.86 -21.48 8.15
N ILE A 4168 -21.18 -21.60 9.44
CA ILE A 4168 -20.36 -21.07 10.53
C ILE A 4168 -19.86 -22.24 11.36
N GLU A 4169 -18.56 -22.27 11.63
CA GLU A 4169 -17.93 -23.38 12.31
C GLU A 4169 -17.21 -22.90 13.54
N VAL A 4170 -16.87 -23.84 14.42
CA VAL A 4170 -16.12 -23.55 15.64
C VAL A 4170 -15.07 -24.64 15.83
N ALA A 4171 -13.97 -24.26 16.47
CA ALA A 4171 -12.89 -25.19 16.79
C ALA A 4171 -12.05 -24.59 17.92
N THR A 4172 -11.13 -25.40 18.44
CA THR A 4172 -10.23 -24.92 19.46
C THR A 4172 -9.14 -24.03 18.85
N LEU A 4173 -8.39 -23.36 19.71
CA LEU A 4173 -7.32 -22.47 19.25
C LEU A 4173 -6.13 -23.23 18.69
N ASP A 4174 -6.22 -24.56 18.62
CA ASP A 4174 -5.18 -25.35 17.96
C ASP A 4174 -5.75 -26.15 16.79
N GLY A 4175 -6.96 -25.83 16.36
CA GLY A 4175 -7.52 -26.44 15.17
C GLY A 4175 -8.19 -27.78 15.38
N ARG A 4176 -8.28 -28.26 16.61
CA ARG A 4176 -8.87 -29.57 16.86
C ARG A 4176 -10.38 -29.48 16.96
N TYR A 4177 -11.05 -30.59 16.65
CA TYR A 4177 -12.48 -30.77 16.88
C TYR A 4177 -13.31 -29.72 16.16
N ARG A 4178 -13.24 -29.75 14.82
CA ARG A 4178 -14.08 -28.86 14.02
C ARG A 4178 -15.55 -29.26 14.16
N LYS A 4179 -16.41 -28.26 14.25
CA LYS A 4179 -17.84 -28.47 14.41
C LYS A 4179 -18.61 -27.36 13.70
N TRP A 4180 -19.67 -27.75 12.99
CA TRP A 4180 -20.54 -26.79 12.33
C TRP A 4180 -21.64 -26.35 13.27
N LEU A 4181 -21.92 -25.05 13.28
CA LEU A 4181 -22.93 -24.48 14.17
C LEU A 4181 -24.15 -24.00 13.40
N ILE A 4182 -23.98 -23.14 12.41
CA ILE A 4182 -25.07 -22.64 11.58
C ILE A 4182 -24.83 -23.13 10.15
N THR A 4183 -25.81 -23.83 9.60
CA THR A 4183 -25.65 -24.42 8.28
C THR A 4183 -26.80 -24.13 7.32
N THR A 4184 -27.91 -23.56 7.78
CA THR A 4184 -29.08 -23.38 6.94
C THR A 4184 -29.48 -21.90 6.92
N GLN A 4185 -30.11 -21.50 5.81
CA GLN A 4185 -30.58 -20.14 5.61
C GLN A 4185 -29.46 -19.11 5.78
N LEU A 4186 -28.29 -19.41 5.21
CA LEU A 4186 -27.17 -18.48 5.17
C LEU A 4186 -26.74 -18.30 3.72
N ASP A 4187 -26.69 -17.04 3.28
CA ASP A 4187 -26.26 -16.76 1.91
C ASP A 4187 -24.77 -16.45 1.86
N GLN A 4188 -24.34 -15.41 2.57
CA GLN A 4188 -22.92 -15.03 2.64
C GLN A 4188 -22.64 -14.50 4.03
N PRO A 4189 -22.26 -15.37 4.97
CA PRO A 4189 -21.88 -14.89 6.31
C PRO A 4189 -20.60 -14.08 6.28
N ALA A 4190 -20.70 -12.78 6.56
CA ALA A 4190 -19.57 -11.88 6.35
C ALA A 4190 -18.73 -11.69 7.60
N ALA A 4191 -19.32 -11.19 8.69
CA ALA A 4191 -18.56 -10.88 9.90
C ALA A 4191 -19.21 -11.60 11.06
N ILE A 4192 -18.44 -11.73 12.15
CA ILE A 4192 -18.89 -12.46 13.32
C ILE A 4192 -18.25 -11.83 14.55
N ALA A 4193 -18.98 -11.88 15.67
CA ALA A 4193 -18.46 -11.41 16.94
C ALA A 4193 -19.08 -12.24 18.06
N VAL A 4194 -18.36 -12.35 19.16
CA VAL A 4194 -18.76 -13.20 20.28
C VAL A 4194 -18.75 -12.38 21.56
N ASN A 4195 -19.72 -12.65 22.44
CA ASN A 4195 -19.84 -11.98 23.73
C ASN A 4195 -19.96 -13.05 24.80
N PRO A 4196 -18.83 -13.59 25.27
CA PRO A 4196 -18.89 -14.68 26.26
C PRO A 4196 -19.60 -14.30 27.55
N LYS A 4197 -19.47 -13.05 28.01
CA LYS A 4197 -20.14 -12.64 29.24
C LYS A 4197 -21.65 -12.80 29.12
N LEU A 4198 -22.22 -12.31 28.03
CA LEU A 4198 -23.64 -12.47 27.78
C LEU A 4198 -23.99 -13.88 27.32
N GLY A 4199 -23.08 -14.55 26.63
CA GLY A 4199 -23.37 -15.85 26.08
C GLY A 4199 -24.03 -15.81 24.72
N LEU A 4200 -23.82 -14.75 23.96
CA LEU A 4200 -24.41 -14.60 22.65
C LEU A 4200 -23.33 -14.25 21.62
N MET A 4201 -23.44 -14.85 20.44
CA MET A 4201 -22.54 -14.58 19.34
C MET A 4201 -23.34 -14.13 18.12
N PHE A 4202 -22.81 -13.14 17.42
CA PHE A 4202 -23.54 -12.43 16.38
C PHE A 4202 -22.81 -12.57 15.05
N TRP A 4203 -23.59 -12.71 13.98
CA TRP A 4203 -23.03 -12.78 12.64
C TRP A 4203 -23.91 -11.98 11.68
N THR A 4204 -23.32 -11.55 10.58
CA THR A 4204 -24.00 -10.75 9.58
C THR A 4204 -24.02 -11.50 8.24
N ASP A 4205 -25.13 -11.35 7.52
CA ASP A 4205 -25.31 -11.96 6.21
C ASP A 4205 -25.50 -10.84 5.19
N GLN A 4206 -24.69 -10.85 4.14
CA GLN A 4206 -24.77 -9.84 3.08
C GLN A 4206 -25.20 -10.44 1.75
N GLY A 4207 -26.14 -11.39 1.78
CA GLY A 4207 -26.61 -12.01 0.56
C GLY A 4207 -27.65 -11.18 -0.15
N LYS A 4208 -28.46 -11.82 -0.99
CA LYS A 4208 -29.53 -11.09 -1.69
C LYS A 4208 -30.57 -10.54 -0.73
N GLN A 4209 -30.69 -11.11 0.47
CA GLN A 4209 -31.59 -10.61 1.51
C GLN A 4209 -30.78 -10.46 2.78
N PRO A 4210 -30.08 -9.34 2.95
CA PRO A 4210 -29.18 -9.18 4.10
C PRO A 4210 -29.93 -9.21 5.42
N LYS A 4211 -29.26 -9.72 6.45
CA LYS A 4211 -29.81 -9.77 7.79
C LYS A 4211 -28.67 -9.81 8.80
N ILE A 4212 -28.98 -9.45 10.04
CA ILE A 4212 -28.05 -9.55 11.15
C ILE A 4212 -28.70 -10.43 12.21
N GLU A 4213 -27.98 -11.45 12.67
CA GLU A 4213 -28.57 -12.48 13.51
C GLU A 4213 -27.75 -12.65 14.78
N SER A 4214 -28.39 -13.22 15.79
CA SER A 4214 -27.75 -13.57 17.05
C SER A 4214 -28.18 -14.97 17.43
N ALA A 4215 -27.29 -15.66 18.15
CA ALA A 4215 -27.58 -17.01 18.60
C ALA A 4215 -26.67 -17.35 19.77
N TRP A 4216 -27.05 -18.40 20.50
CA TRP A 4216 -26.17 -18.94 21.53
C TRP A 4216 -24.94 -19.55 20.88
N MET A 4217 -23.82 -19.55 21.62
CA MET A 4217 -22.61 -20.16 21.09
C MET A 4217 -22.79 -21.63 20.79
N ASN A 4218 -23.62 -22.34 21.58
CA ASN A 4218 -23.84 -23.75 21.32
C ASN A 4218 -24.59 -23.97 20.01
N GLY A 4219 -25.24 -22.94 19.48
CA GLY A 4219 -25.91 -23.02 18.19
C GLY A 4219 -27.42 -22.93 18.25
N GLU A 4220 -28.01 -22.77 19.43
CA GLU A 4220 -29.46 -22.73 19.56
C GLU A 4220 -29.97 -21.31 19.66
N HIS A 4221 -31.30 -21.18 19.59
CA HIS A 4221 -32.00 -19.90 19.73
C HIS A 4221 -31.55 -18.88 18.71
N ARG A 4222 -31.30 -19.33 17.48
CA ARG A 4222 -30.98 -18.41 16.39
C ARG A 4222 -32.19 -17.54 16.07
N SER A 4223 -31.95 -16.24 15.90
CA SER A 4223 -33.03 -15.30 15.61
C SER A 4223 -32.47 -14.15 14.80
N VAL A 4224 -33.38 -13.42 14.16
CA VAL A 4224 -32.97 -12.27 13.35
C VAL A 4224 -33.10 -11.00 14.17
N LEU A 4225 -32.01 -10.22 14.23
CA LEU A 4225 -32.05 -8.95 14.95
C LEU A 4225 -32.56 -7.83 14.05
N VAL A 4226 -31.85 -7.57 12.95
CA VAL A 4226 -32.19 -6.48 12.04
C VAL A 4226 -32.33 -7.04 10.63
N SER A 4227 -33.44 -6.71 9.97
CA SER A 4227 -33.63 -7.06 8.57
C SER A 4227 -34.14 -5.85 7.81
N GLU A 4228 -34.66 -4.87 8.54
CA GLU A 4228 -35.20 -3.67 7.91
C GLU A 4228 -34.10 -2.70 7.52
N ASN A 4229 -34.14 -2.26 6.26
CA ASN A 4229 -33.29 -1.18 5.76
C ASN A 4229 -31.81 -1.47 6.00
N LEU A 4230 -31.34 -2.53 5.35
CA LEU A 4230 -29.94 -2.91 5.41
C LEU A 4230 -29.41 -3.22 4.02
N GLY A 4231 -28.15 -2.89 3.80
CA GLY A 4231 -27.46 -3.30 2.60
C GLY A 4231 -25.99 -3.58 2.84
N TRP A 4232 -25.55 -4.79 2.52
CA TRP A 4232 -24.17 -5.25 2.68
C TRP A 4232 -23.60 -4.89 4.06
N PRO A 4233 -24.07 -5.54 5.14
CA PRO A 4233 -23.44 -5.31 6.45
C PRO A 4233 -22.12 -6.06 6.57
N ASN A 4234 -21.05 -5.48 6.05
CA ASN A 4234 -19.76 -6.18 5.96
C ASN A 4234 -18.99 -6.20 7.27
N GLY A 4235 -19.35 -5.36 8.24
CA GLY A 4235 -18.58 -5.29 9.47
C GLY A 4235 -19.46 -5.50 10.68
N LEU A 4236 -18.82 -5.69 11.82
CA LEU A 4236 -19.54 -5.97 13.05
C LEU A 4236 -18.59 -5.82 14.23
N SER A 4237 -19.01 -5.08 15.25
CA SER A 4237 -18.26 -4.93 16.48
C SER A 4237 -19.21 -4.84 17.64
N ILE A 4238 -18.71 -5.20 18.82
CA ILE A 4238 -19.51 -5.21 20.05
C ILE A 4238 -18.84 -4.31 21.07
N ASP A 4239 -19.63 -3.41 21.67
CA ASP A 4239 -19.14 -2.54 22.74
C ASP A 4239 -19.48 -3.22 24.07
N TYR A 4240 -18.50 -3.90 24.66
CA TYR A 4240 -18.73 -4.67 25.88
C TYR A 4240 -19.07 -3.79 27.07
N LEU A 4241 -18.80 -2.49 27.01
CA LEU A 4241 -19.04 -1.59 28.13
C LEU A 4241 -20.43 -0.96 28.09
N ASN A 4242 -20.78 -0.30 26.99
CA ASN A 4242 -22.09 0.35 26.85
C ASN A 4242 -23.14 -0.74 26.61
N ASP A 4243 -23.66 -1.26 27.71
CA ASP A 4243 -24.76 -2.24 27.78
C ASP A 4243 -24.71 -3.25 26.63
N ASP A 4244 -23.50 -3.73 26.31
CA ASP A 4244 -23.28 -4.75 25.28
C ASP A 4244 -23.92 -4.38 23.95
N ARG A 4245 -23.86 -3.11 23.57
CA ARG A 4245 -24.45 -2.69 22.31
C ARG A 4245 -23.59 -3.14 21.15
N VAL A 4246 -24.23 -3.42 20.02
CA VAL A 4246 -23.56 -3.96 18.84
C VAL A 4246 -23.67 -2.98 17.69
N TYR A 4247 -22.56 -2.81 16.95
CA TYR A 4247 -22.48 -1.90 15.84
C TYR A 4247 -22.21 -2.68 14.55
N TRP A 4248 -22.65 -2.13 13.42
CA TRP A 4248 -22.38 -2.74 12.13
C TRP A 4248 -22.23 -1.65 11.07
N SER A 4249 -21.52 -2.00 10.00
CA SER A 4249 -21.20 -1.07 8.93
C SER A 4249 -21.78 -1.58 7.62
N ASP A 4250 -22.49 -0.73 6.90
CA ASP A 4250 -23.06 -1.07 5.61
C ASP A 4250 -22.13 -0.65 4.49
N SER A 4251 -22.49 -1.01 3.27
CA SER A 4251 -21.75 -0.56 2.10
C SER A 4251 -22.63 -0.04 0.99
N LYS A 4252 -23.93 -0.33 0.98
CA LYS A 4252 -24.83 0.30 0.01
C LYS A 4252 -25.34 1.64 0.55
N GLU A 4253 -25.94 1.62 1.73
CA GLU A 4253 -26.34 2.86 2.40
C GLU A 4253 -25.19 3.49 3.18
N ASP A 4254 -24.06 2.80 3.26
CA ASP A 4254 -22.78 3.27 3.83
C ASP A 4254 -22.92 3.98 5.17
N VAL A 4255 -23.96 3.66 5.93
CA VAL A 4255 -24.12 4.18 7.28
C VAL A 4255 -23.45 3.26 8.29
N ILE A 4256 -23.25 3.76 9.51
CA ILE A 4256 -22.83 2.94 10.64
C ILE A 4256 -23.89 3.06 11.72
N GLU A 4257 -24.41 1.92 12.18
CA GLU A 4257 -25.55 1.89 13.06
C GLU A 4257 -25.22 1.13 14.33
N ALA A 4258 -26.07 1.32 15.34
CA ALA A 4258 -25.93 0.63 16.62
C ALA A 4258 -27.30 0.21 17.13
N ILE A 4259 -27.35 -0.97 17.73
CA ILE A 4259 -28.59 -1.51 18.27
C ILE A 4259 -28.25 -2.35 19.50
N LYS A 4260 -29.22 -2.45 20.41
CA LYS A 4260 -29.02 -3.26 21.61
C LYS A 4260 -29.00 -4.74 21.26
N TYR A 4261 -28.36 -5.53 22.13
CA TYR A 4261 -28.14 -6.93 21.83
C TYR A 4261 -29.45 -7.71 21.62
N ASP A 4262 -30.54 -7.26 22.24
CA ASP A 4262 -31.83 -7.89 22.01
C ASP A 4262 -32.51 -7.42 20.73
N GLY A 4263 -32.06 -6.31 20.15
CA GLY A 4263 -32.59 -5.83 18.90
C GLY A 4263 -33.52 -4.63 18.95
N THR A 4264 -33.52 -3.87 20.04
CA THR A 4264 -34.37 -2.69 20.17
C THR A 4264 -33.54 -1.41 20.15
N ASP A 4265 -34.23 -0.29 19.89
CA ASP A 4265 -33.62 1.04 19.87
C ASP A 4265 -32.49 1.08 18.84
N ARG A 4266 -32.90 0.94 17.59
CA ARG A 4266 -31.96 1.09 16.47
C ARG A 4266 -31.65 2.56 16.25
N ARG A 4267 -30.37 2.89 16.14
CA ARG A 4267 -29.94 4.26 15.93
C ARG A 4267 -28.94 4.31 14.79
N LEU A 4268 -28.93 5.43 14.08
CA LEU A 4268 -28.02 5.65 12.96
C LEU A 4268 -26.90 6.55 13.46
N ILE A 4269 -25.82 5.93 13.93
CA ILE A 4269 -24.77 6.67 14.62
C ILE A 4269 -24.01 7.58 13.66
N ILE A 4270 -23.59 7.04 12.52
CA ILE A 4270 -22.77 7.78 11.57
C ILE A 4270 -23.42 7.69 10.19
N ASN A 4271 -23.56 8.83 9.52
CA ASN A 4271 -24.09 8.90 8.18
C ASN A 4271 -22.99 9.24 7.18
N GLU A 4272 -23.27 8.93 5.91
CA GLU A 4272 -22.35 9.14 4.78
C GLU A 4272 -20.91 8.81 5.16
N ALA A 4273 -20.70 7.55 5.56
CA ALA A 4273 -19.42 7.08 6.03
C ALA A 4273 -18.54 6.55 4.90
N MET A 4274 -18.78 6.95 3.65
CA MET A 4274 -17.91 6.62 2.52
C MET A 4274 -17.64 5.12 2.42
N LYS A 4275 -18.72 4.34 2.51
CA LYS A 4275 -18.69 2.88 2.37
C LYS A 4275 -17.73 2.24 3.37
N PRO A 4276 -18.07 2.23 4.66
CA PRO A 4276 -17.21 1.56 5.64
C PRO A 4276 -17.19 0.06 5.40
N PHE A 4277 -16.08 -0.57 5.80
CA PHE A 4277 -15.91 -2.00 5.62
C PHE A 4277 -15.71 -2.77 6.92
N SER A 4278 -15.26 -2.12 7.98
CA SER A 4278 -15.04 -2.82 9.25
C SER A 4278 -15.14 -1.81 10.38
N LEU A 4279 -15.27 -2.32 11.60
CA LEU A 4279 -15.42 -1.48 12.78
C LEU A 4279 -14.55 -2.00 13.91
N ASP A 4280 -14.28 -1.11 14.86
CA ASP A 4280 -13.76 -1.49 16.17
C ASP A 4280 -13.93 -0.31 17.10
N ILE A 4281 -14.62 -0.55 18.22
CA ILE A 4281 -14.96 0.49 19.18
C ILE A 4281 -14.10 0.30 20.40
N PHE A 4282 -13.32 1.32 20.73
CA PHE A 4282 -12.47 1.28 21.92
C PHE A 4282 -12.56 2.60 22.66
N GLU A 4283 -12.56 2.52 23.99
CA GLU A 4283 -12.55 3.68 24.87
C GLU A 4283 -13.70 4.62 24.54
N ASP A 4284 -13.44 5.67 23.75
CA ASP A 4284 -14.41 6.72 23.50
C ASP A 4284 -14.78 6.87 22.04
N LYS A 4285 -13.97 6.37 21.12
CA LYS A 4285 -14.11 6.69 19.71
C LYS A 4285 -14.32 5.42 18.89
N LEU A 4286 -14.90 5.61 17.70
CA LEU A 4286 -15.24 4.51 16.79
C LEU A 4286 -14.41 4.61 15.53
N TYR A 4287 -13.78 3.50 15.15
CA TYR A 4287 -12.89 3.45 13.99
C TYR A 4287 -13.52 2.63 12.88
N TRP A 4288 -13.31 3.05 11.64
CA TRP A 4288 -13.81 2.32 10.49
C TRP A 4288 -12.93 2.61 9.28
N VAL A 4289 -13.07 1.78 8.26
CA VAL A 4289 -12.20 1.82 7.08
C VAL A 4289 -13.06 2.13 5.86
N ALA A 4290 -12.70 3.20 5.14
CA ALA A 4290 -13.30 3.49 3.84
C ALA A 4290 -12.48 2.71 2.81
N LYS A 4291 -13.10 1.68 2.22
CA LYS A 4291 -12.33 0.68 1.49
C LYS A 4291 -11.69 1.25 0.23
N GLU A 4292 -12.48 1.94 -0.61
CA GLU A 4292 -11.92 2.44 -1.86
C GLU A 4292 -10.84 3.48 -1.59
N LYS A 4293 -11.11 4.43 -0.70
CA LYS A 4293 -10.13 5.47 -0.41
C LYS A 4293 -8.95 4.95 0.40
N GLY A 4294 -9.09 3.80 1.04
CA GLY A 4294 -8.00 3.22 1.79
C GLY A 4294 -7.62 3.97 3.04
N GLU A 4295 -8.56 4.71 3.63
CA GLU A 4295 -8.28 5.56 4.78
C GLU A 4295 -8.93 4.99 6.03
N VAL A 4296 -8.24 5.11 7.16
CA VAL A 4296 -8.80 4.79 8.45
C VAL A 4296 -9.34 6.06 9.07
N TRP A 4297 -10.59 6.01 9.53
CA TRP A 4297 -11.30 7.18 10.00
C TRP A 4297 -11.68 7.00 11.47
N ARG A 4298 -12.26 8.05 12.04
CA ARG A 4298 -12.50 8.09 13.47
C ARG A 4298 -13.62 9.08 13.78
N GLN A 4299 -14.40 8.75 14.81
CA GLN A 4299 -15.42 9.65 15.32
C GLN A 4299 -15.77 9.21 16.73
N ASN A 4300 -16.36 10.14 17.50
CA ASN A 4300 -16.92 9.78 18.79
C ASN A 4300 -17.97 8.69 18.60
N LYS A 4301 -17.90 7.65 19.42
CA LYS A 4301 -18.68 6.44 19.18
C LYS A 4301 -20.17 6.65 19.33
N PHE A 4302 -20.61 7.78 19.88
CA PHE A 4302 -22.04 8.06 19.99
C PHE A 4302 -22.58 8.85 18.80
N GLY A 4303 -21.74 9.19 17.83
CA GLY A 4303 -22.17 9.92 16.65
C GLY A 4303 -22.09 11.42 16.76
N LYS A 4304 -21.73 11.97 17.92
CA LYS A 4304 -21.62 13.41 18.07
C LYS A 4304 -20.28 13.90 17.48
N GLU A 4305 -20.17 15.22 17.41
CA GLU A 4305 -18.98 15.89 16.86
C GLU A 4305 -18.80 15.47 15.40
N ASN A 4306 -17.56 15.44 14.92
CA ASN A 4306 -17.30 15.25 13.50
C ASN A 4306 -16.20 14.21 13.31
N LYS A 4307 -16.01 13.83 12.04
CA LYS A 4307 -15.04 12.80 11.68
C LYS A 4307 -13.62 13.33 11.74
N GLU A 4308 -12.68 12.45 11.46
CA GLU A 4308 -11.25 12.79 11.49
C GLU A 4308 -10.45 11.68 10.82
N LYS A 4309 -9.59 12.06 9.88
CA LYS A 4309 -8.72 11.07 9.23
C LYS A 4309 -7.66 10.60 10.21
N VAL A 4310 -7.49 9.30 10.33
CA VAL A 4310 -6.40 8.76 11.14
C VAL A 4310 -5.16 8.57 10.29
N LEU A 4311 -5.27 7.74 9.25
CA LEU A 4311 -4.13 7.45 8.39
C LEU A 4311 -4.64 6.70 7.16
N VAL A 4312 -3.81 6.71 6.11
CA VAL A 4312 -4.12 6.10 4.83
C VAL A 4312 -3.12 4.98 4.59
N VAL A 4313 -3.62 3.82 4.18
CA VAL A 4313 -2.72 2.70 3.93
C VAL A 4313 -2.64 2.38 2.45
N ASN A 4314 -3.74 1.88 1.88
CA ASN A 4314 -3.72 1.15 0.62
C ASN A 4314 -5.15 0.89 0.21
N PRO A 4315 -5.41 0.62 -1.07
CA PRO A 4315 -6.70 0.02 -1.43
C PRO A 4315 -6.82 -1.43 -1.00
N TRP A 4316 -5.73 -2.05 -0.55
CA TRP A 4316 -5.72 -3.43 -0.09
C TRP A 4316 -6.19 -3.58 1.35
N LEU A 4317 -6.44 -2.47 2.06
CA LEU A 4317 -6.80 -2.53 3.48
C LEU A 4317 -8.15 -3.24 3.63
N THR A 4318 -8.17 -4.31 4.41
CA THR A 4318 -9.38 -5.12 4.56
C THR A 4318 -10.00 -5.03 5.94
N GLN A 4319 -9.30 -4.48 6.92
CA GLN A 4319 -9.84 -4.42 8.27
C GLN A 4319 -9.03 -3.46 9.12
N VAL A 4320 -9.64 -3.00 10.20
CA VAL A 4320 -8.95 -2.32 11.29
C VAL A 4320 -9.42 -2.95 12.59
N ARG A 4321 -8.47 -3.33 13.45
CA ARG A 4321 -8.80 -3.92 14.74
C ARG A 4321 -7.90 -3.31 15.80
N ILE A 4322 -8.52 -2.79 16.86
CA ILE A 4322 -7.78 -2.14 17.93
C ILE A 4322 -7.15 -3.22 18.80
N PHE A 4323 -5.92 -2.98 19.23
CA PHE A 4323 -5.13 -3.96 19.98
C PHE A 4323 -4.82 -3.38 21.36
N HIS A 4324 -5.49 -3.92 22.38
CA HIS A 4324 -5.30 -3.48 23.75
C HIS A 4324 -5.92 -4.51 24.68
N GLN A 4325 -5.36 -4.63 25.89
CA GLN A 4325 -5.85 -5.64 26.82
C GLN A 4325 -7.26 -5.33 27.30
N LEU A 4326 -7.66 -4.04 27.31
CA LEU A 4326 -8.99 -3.68 27.77
C LEU A 4326 -10.05 -3.91 26.71
N ARG A 4327 -9.67 -4.21 25.47
CA ARG A 4327 -10.66 -4.49 24.43
C ARG A 4327 -11.47 -5.74 24.77
N TYR A 4328 -10.83 -6.72 25.41
CA TYR A 4328 -11.51 -7.93 25.86
C TYR A 4328 -11.26 -8.07 27.36
N ASN A 4329 -12.32 -8.00 28.16
CA ASN A 4329 -12.20 -8.20 29.61
C ASN A 4329 -11.57 -9.55 29.91
N GLN A 4330 -10.37 -9.53 30.49
CA GLN A 4330 -9.63 -10.75 30.73
C GLN A 4330 -10.04 -11.46 32.00
N SER A 4331 -10.79 -10.80 32.88
CA SER A 4331 -11.17 -11.37 34.16
C SER A 4331 -12.52 -12.08 34.11
N VAL A 4332 -12.96 -12.50 32.93
CA VAL A 4332 -14.18 -13.28 32.82
C VAL A 4332 -13.85 -14.75 33.05
N SER A 4333 -14.57 -15.38 33.97
CA SER A 4333 -14.28 -16.74 34.41
C SER A 4333 -14.90 -17.75 33.45
N ASN A 4334 -14.15 -18.80 33.15
CA ASN A 4334 -14.65 -19.86 32.29
C ASN A 4334 -15.68 -20.70 33.03
N PRO A 4335 -16.91 -20.81 32.53
CA PRO A 4335 -17.91 -21.62 33.24
C PRO A 4335 -17.68 -23.12 33.16
N CYS A 4336 -16.88 -23.59 32.19
CA CYS A 4336 -16.69 -25.02 32.02
C CYS A 4336 -16.02 -25.64 33.24
N LYS A 4337 -16.39 -26.89 33.53
CA LYS A 4337 -15.90 -27.59 34.70
C LYS A 4337 -15.26 -28.93 34.35
N GLN A 4338 -14.62 -29.03 33.19
CA GLN A 4338 -13.84 -30.19 32.75
C GLN A 4338 -14.66 -31.47 32.65
N VAL A 4339 -15.98 -31.39 32.74
CA VAL A 4339 -16.79 -32.60 32.64
C VAL A 4339 -17.02 -32.97 31.19
N CYS A 4340 -16.80 -32.04 30.28
CA CYS A 4340 -17.07 -32.29 28.87
C CYS A 4340 -15.78 -32.67 28.14
N SER A 4341 -15.83 -33.76 27.39
CA SER A 4341 -14.76 -34.06 26.45
C SER A 4341 -14.99 -33.31 25.15
N HIS A 4342 -13.90 -33.05 24.43
CA HIS A 4342 -13.91 -32.27 23.19
C HIS A 4342 -14.46 -30.88 23.51
N LEU A 4343 -15.37 -30.34 22.72
CA LEU A 4343 -15.81 -28.96 22.86
C LEU A 4343 -16.68 -28.78 24.09
N CYS A 4344 -16.44 -27.69 24.82
CA CYS A 4344 -17.29 -27.24 25.92
C CYS A 4344 -17.76 -25.84 25.58
N LEU A 4345 -18.85 -25.77 24.83
CA LEU A 4345 -19.35 -24.49 24.33
C LEU A 4345 -19.99 -23.68 25.46
N LEU A 4346 -20.17 -22.39 25.19
CA LEU A 4346 -20.76 -21.47 26.15
C LEU A 4346 -22.20 -21.15 25.77
N ARG A 4347 -22.95 -20.68 26.75
CA ARG A 4347 -24.35 -20.29 26.56
C ARG A 4347 -24.72 -19.32 27.67
N PRO A 4348 -25.83 -18.60 27.52
CA PRO A 4348 -26.24 -17.67 28.59
C PRO A 4348 -26.31 -18.31 29.97
N GLY A 4349 -25.41 -17.89 30.86
CA GLY A 4349 -25.42 -18.35 32.22
C GLY A 4349 -24.74 -19.67 32.49
N GLY A 4350 -24.18 -20.33 31.47
CA GLY A 4350 -23.58 -21.63 31.69
C GLY A 4350 -22.87 -22.12 30.44
N TYR A 4351 -22.55 -23.41 30.46
CA TYR A 4351 -21.82 -24.06 29.40
C TYR A 4351 -22.70 -25.10 28.71
N SER A 4352 -22.09 -25.85 27.79
CA SER A 4352 -22.76 -26.96 27.13
C SER A 4352 -21.71 -27.79 26.41
N CYS A 4353 -21.72 -29.11 26.63
CA CYS A 4353 -20.78 -29.98 25.97
C CYS A 4353 -21.28 -30.34 24.57
N ALA A 4354 -20.34 -30.49 23.64
CA ALA A 4354 -20.70 -30.81 22.26
C ALA A 4354 -19.66 -31.74 21.66
N CYS A 4355 -20.07 -32.48 20.63
CA CYS A 4355 -19.22 -33.41 19.91
C CYS A 4355 -18.71 -32.78 18.62
N PRO A 4356 -17.54 -33.20 18.14
CA PRO A 4356 -17.04 -32.70 16.85
C PRO A 4356 -17.96 -33.07 15.70
N GLN A 4357 -17.74 -32.47 14.53
CA GLN A 4357 -18.56 -32.77 13.38
C GLN A 4357 -18.36 -34.22 12.94
N GLY A 4358 -19.45 -34.85 12.51
CA GLY A 4358 -19.38 -36.23 12.08
C GLY A 4358 -19.31 -37.23 13.22
N SER A 4359 -19.73 -36.85 14.42
CA SER A 4359 -19.76 -37.75 15.56
C SER A 4359 -20.87 -37.34 16.50
N ASP A 4360 -21.33 -38.31 17.29
CA ASP A 4360 -22.45 -38.11 18.20
C ASP A 4360 -22.03 -38.48 19.62
N PHE A 4361 -22.91 -38.17 20.57
CA PHE A 4361 -22.70 -38.57 21.95
C PHE A 4361 -22.79 -40.09 22.08
N VAL A 4362 -22.11 -40.63 23.10
CA VAL A 4362 -22.35 -42.01 23.48
C VAL A 4362 -23.78 -42.12 24.01
N THR A 4363 -24.51 -43.11 23.52
CA THR A 4363 -25.93 -43.23 23.87
C THR A 4363 -26.10 -43.37 25.37
N GLY A 4364 -27.03 -42.60 25.93
CA GLY A 4364 -27.21 -42.55 27.36
C GLY A 4364 -26.29 -41.59 28.08
N SER A 4365 -25.50 -40.80 27.34
CA SER A 4365 -24.59 -39.83 27.93
C SER A 4365 -24.72 -38.50 27.20
N THR A 4366 -24.37 -37.43 27.90
CA THR A 4366 -24.47 -36.08 27.34
C THR A 4366 -23.17 -35.30 27.56
N VAL A 4367 -22.10 -35.98 27.97
CA VAL A 4367 -20.82 -35.31 28.22
C VAL A 4367 -19.71 -36.06 27.51
N GLN A 4368 -20.04 -37.17 26.85
CA GLN A 4368 -19.04 -37.98 26.19
C GLN A 4368 -19.52 -38.35 24.80
N CYS A 4369 -18.59 -38.43 23.85
CA CYS A 4369 -18.89 -38.73 22.46
C CYS A 4369 -18.06 -39.93 22.01
N ASP A 4370 -18.56 -40.63 20.99
CA ASP A 4370 -17.90 -41.84 20.52
C ASP A 4370 -16.63 -41.56 19.74
N ALA A 4371 -16.35 -40.31 19.40
CA ALA A 4371 -15.16 -39.99 18.64
C ALA A 4371 -13.93 -39.98 19.55
N ALA A 4372 -12.75 -39.97 18.92
CA ALA A 4372 -11.50 -39.97 19.66
C ALA A 4372 -11.13 -38.56 20.09
N SER A 4373 -9.98 -38.45 20.74
CA SER A 4373 -9.44 -37.18 21.20
C SER A 4373 -8.03 -36.98 20.67
N GLU A 4374 -7.65 -35.72 20.47
CA GLU A 4374 -6.35 -35.36 19.92
C GLU A 4374 -5.60 -34.49 20.92
N LEU A 4375 -4.28 -34.67 20.96
CA LEU A 4375 -3.45 -33.90 21.87
C LEU A 4375 -3.38 -32.44 21.41
N PRO A 4376 -3.22 -31.51 22.33
CA PRO A 4376 -3.08 -30.09 21.94
C PRO A 4376 -1.82 -29.87 21.11
N VAL A 4377 -1.91 -28.93 20.17
CA VAL A 4377 -0.81 -28.61 19.28
C VAL A 4377 -0.10 -27.38 19.86
N THR A 4378 1.11 -27.59 20.37
CA THR A 4378 1.82 -26.52 21.05
C THR A 4378 2.37 -25.50 20.06
N MET A 4379 2.58 -24.28 20.55
CA MET A 4379 3.20 -23.23 19.77
C MET A 4379 4.72 -23.40 19.74
N PRO A 4380 5.37 -23.08 18.63
CA PRO A 4380 6.82 -22.98 18.64
C PRO A 4380 7.27 -21.85 19.55
N PRO A 4381 8.45 -21.97 20.16
CA PRO A 4381 8.95 -20.91 21.04
C PRO A 4381 9.12 -19.61 20.28
N PRO A 4382 8.75 -18.48 20.88
CA PRO A 4382 8.80 -17.20 20.20
C PRO A 4382 10.09 -16.42 20.45
N CYS A 4383 10.31 -15.42 19.60
CA CYS A 4383 11.42 -14.48 19.78
C CYS A 4383 10.95 -13.38 20.73
N ARG A 4384 11.41 -13.44 21.97
CA ARG A 4384 10.95 -12.54 23.01
C ARG A 4384 11.85 -11.34 23.22
N CYS A 4385 12.80 -11.09 22.32
CA CYS A 4385 13.75 -9.98 22.48
C CYS A 4385 13.04 -8.64 22.55
N MET A 4386 13.47 -7.81 23.50
CA MET A 4386 12.89 -6.45 23.64
C MET A 4386 13.98 -5.40 23.39
N HIS A 4387 13.59 -4.14 23.32
CA HIS A 4387 14.58 -3.03 23.16
C HIS A 4387 15.55 -3.28 22.00
N GLY A 4388 15.08 -3.80 20.86
CA GLY A 4388 15.96 -3.92 19.72
C GLY A 4388 16.93 -5.08 19.73
N GLY A 4389 16.86 -5.95 20.73
CA GLY A 4389 17.70 -7.13 20.72
C GLY A 4389 17.37 -8.03 19.55
N ASN A 4390 18.40 -8.63 18.96
CA ASN A 4390 18.23 -9.48 17.79
C ASN A 4390 18.02 -10.92 18.19
N CYS A 4391 16.98 -11.54 17.64
CA CYS A 4391 16.72 -12.95 17.87
C CYS A 4391 17.70 -13.80 17.07
N TYR A 4392 17.88 -15.04 17.50
CA TYR A 4392 18.93 -15.89 16.94
C TYR A 4392 18.54 -17.35 17.09
N PHE A 4393 18.90 -18.17 16.10
CA PHE A 4393 18.65 -19.60 16.12
C PHE A 4393 19.97 -20.36 16.05
N ASP A 4394 20.16 -21.29 16.99
CA ASP A 4394 21.36 -22.09 17.10
C ASP A 4394 21.09 -23.49 16.55
N GLU A 4395 22.04 -24.40 16.78
CA GLU A 4395 21.86 -25.79 16.38
C GLU A 4395 20.58 -26.39 16.96
N ASN A 4396 20.19 -25.98 18.17
CA ASN A 4396 18.92 -26.41 18.75
C ASN A 4396 17.73 -25.69 18.13
N GLU A 4397 17.97 -24.64 17.35
CA GLU A 4397 16.92 -23.87 16.68
C GLU A 4397 15.98 -23.21 17.68
N LEU A 4398 16.42 -23.06 18.93
CA LEU A 4398 15.61 -22.33 19.89
C LEU A 4398 15.89 -20.84 19.76
N PRO A 4399 14.87 -19.99 19.94
CA PRO A 4399 15.08 -18.55 19.83
C PRO A 4399 15.81 -18.02 21.06
N LYS A 4400 16.94 -17.34 20.81
CA LYS A 4400 17.69 -16.65 21.86
C LYS A 4400 17.98 -15.23 21.39
N CYS A 4401 18.57 -14.45 22.28
CA CYS A 4401 18.67 -13.00 22.10
C CYS A 4401 20.12 -12.58 21.91
N LYS A 4402 20.36 -11.75 20.90
CA LYS A 4402 21.60 -10.97 20.79
C LYS A 4402 21.31 -9.58 21.35
N CYS A 4403 21.17 -9.53 22.67
CA CYS A 4403 20.59 -8.36 23.33
C CYS A 4403 21.41 -7.11 23.07
N SER A 4404 20.70 -5.98 22.97
CA SER A 4404 21.34 -4.71 22.71
C SER A 4404 22.03 -4.17 23.96
N SER A 4405 22.75 -3.06 23.79
CA SER A 4405 23.46 -2.45 24.89
C SER A 4405 22.49 -1.83 25.89
N GLY A 4406 22.99 -1.58 27.10
CA GLY A 4406 22.19 -0.97 28.14
C GLY A 4406 21.16 -1.88 28.78
N TYR A 4407 21.11 -3.15 28.38
CA TYR A 4407 20.14 -4.09 28.93
C TYR A 4407 20.80 -5.46 29.06
N SER A 4408 20.33 -6.22 30.04
CA SER A 4408 20.87 -7.54 30.34
C SER A 4408 19.74 -8.53 30.54
N GLY A 4409 20.10 -9.80 30.63
CA GLY A 4409 19.12 -10.84 30.88
C GLY A 4409 19.14 -11.88 29.78
N GLU A 4410 18.34 -12.92 29.98
CA GLU A 4410 18.31 -13.99 28.99
C GLU A 4410 17.79 -13.48 27.64
N TYR A 4411 16.73 -12.67 27.61
CA TYR A 4411 16.50 -11.96 26.36
C TYR A 4411 17.00 -10.52 26.42
N CYS A 4412 16.28 -9.63 27.12
CA CYS A 4412 16.77 -8.30 27.44
C CYS A 4412 16.13 -7.77 28.72
N GLU A 4413 15.69 -8.67 29.60
CA GLU A 4413 14.68 -8.29 30.58
C GLU A 4413 15.20 -7.42 31.72
N VAL A 4414 16.51 -7.25 31.85
CA VAL A 4414 17.10 -6.51 32.96
C VAL A 4414 17.67 -5.20 32.41
N GLY A 4415 17.27 -4.09 33.02
CA GLY A 4415 17.72 -2.78 32.60
C GLY A 4415 19.17 -2.48 32.94
N GLU B 27 -32.74 -42.99 40.84
CA GLU B 27 -32.37 -41.78 41.58
C GLU B 27 -30.87 -41.70 41.77
N CYS B 28 -30.38 -40.49 42.03
CA CYS B 28 -28.96 -40.29 42.27
C CYS B 28 -28.61 -40.54 43.73
N GLY B 29 -27.32 -40.53 44.03
CA GLY B 29 -26.85 -40.76 45.37
C GLY B 29 -27.16 -39.59 46.30
N SER B 30 -26.78 -39.77 47.56
CA SER B 30 -27.01 -38.72 48.55
C SER B 30 -26.24 -37.45 48.21
N GLY B 31 -25.01 -37.60 47.71
CA GLY B 31 -24.19 -36.46 47.34
C GLY B 31 -24.39 -35.95 45.94
N ASN B 32 -25.39 -36.46 45.21
CA ASN B 32 -25.65 -36.07 43.84
C ASN B 32 -27.06 -35.52 43.71
N PHE B 33 -27.24 -34.59 42.78
CA PHE B 33 -28.52 -33.94 42.53
C PHE B 33 -29.04 -34.41 41.17
N ARG B 34 -30.29 -34.85 41.16
CA ARG B 34 -30.95 -35.31 39.95
C ARG B 34 -31.46 -34.11 39.16
N CYS B 35 -30.77 -33.77 38.07
CA CYS B 35 -31.33 -32.79 37.14
C CYS B 35 -32.57 -33.38 36.49
N ASP B 36 -33.48 -32.52 36.04
CA ASP B 36 -34.79 -32.96 35.61
C ASP B 36 -34.72 -33.98 34.48
N ASN B 37 -33.72 -33.86 33.60
CA ASN B 37 -33.59 -34.79 32.48
C ASN B 37 -33.11 -36.17 32.90
N GLY B 38 -32.68 -36.34 34.14
CA GLY B 38 -32.12 -37.60 34.61
C GLY B 38 -30.63 -37.56 34.86
N TYR B 39 -29.95 -36.51 34.41
CA TYR B 39 -28.51 -36.39 34.62
C TYR B 39 -28.24 -36.10 36.09
N CYS B 40 -27.33 -36.88 36.68
CA CYS B 40 -26.95 -36.71 38.09
C CYS B 40 -25.81 -35.71 38.19
N ILE B 41 -26.02 -34.67 38.99
CA ILE B 41 -25.03 -33.59 39.15
C ILE B 41 -24.50 -33.64 40.57
N PRO B 42 -23.18 -33.50 40.77
CA PRO B 42 -22.65 -33.43 42.13
C PRO B 42 -23.24 -32.26 42.90
N ALA B 43 -23.58 -32.50 44.16
CA ALA B 43 -24.32 -31.52 44.94
C ALA B 43 -23.58 -30.21 45.13
N SER B 44 -22.26 -30.19 44.95
CA SER B 44 -21.51 -28.93 45.06
C SER B 44 -21.90 -27.98 43.94
N TRP B 45 -22.15 -28.49 42.74
CA TRP B 45 -22.44 -27.63 41.60
C TRP B 45 -23.82 -27.01 41.70
N ARG B 46 -24.64 -27.45 42.66
CA ARG B 46 -25.99 -26.93 42.77
C ARG B 46 -25.98 -25.52 43.35
N CYS B 47 -26.67 -24.61 42.66
CA CYS B 47 -26.76 -23.20 43.05
C CYS B 47 -25.39 -22.55 43.23
N ASP B 48 -24.40 -22.95 42.45
CA ASP B 48 -23.09 -22.31 42.52
C ASP B 48 -22.99 -21.09 41.60
N GLY B 49 -24.03 -20.77 40.85
CA GLY B 49 -24.02 -19.65 39.94
C GLY B 49 -23.79 -19.98 38.49
N THR B 50 -23.80 -21.26 38.12
CA THR B 50 -23.57 -21.67 36.74
C THR B 50 -24.62 -22.70 36.34
N ARG B 51 -25.16 -22.56 35.13
CA ARG B 51 -26.18 -23.46 34.60
C ARG B 51 -25.47 -24.72 34.13
N ASP B 52 -25.47 -25.75 35.00
CA ASP B 52 -24.57 -26.88 34.84
C ASP B 52 -25.17 -28.08 34.12
N CYS B 53 -26.48 -28.09 33.86
CA CYS B 53 -27.09 -29.20 33.14
C CYS B 53 -28.13 -28.68 32.17
N LEU B 54 -28.47 -29.52 31.19
CA LEU B 54 -29.24 -29.08 30.04
C LEU B 54 -30.60 -28.54 30.43
N ASP B 55 -31.27 -29.20 31.37
CA ASP B 55 -32.61 -28.77 31.77
C ASP B 55 -32.59 -27.52 32.64
N ASP B 56 -31.41 -27.02 33.00
CA ASP B 56 -31.20 -25.81 33.79
C ASP B 56 -31.79 -25.91 35.19
N THR B 57 -32.11 -27.10 35.66
CA THR B 57 -32.69 -27.26 36.99
C THR B 57 -31.66 -27.31 38.10
N ASP B 58 -30.37 -27.32 37.77
CA ASP B 58 -29.34 -27.24 38.80
C ASP B 58 -29.27 -25.85 39.42
N GLU B 59 -29.87 -24.85 38.76
CA GLU B 59 -29.95 -23.50 39.30
C GLU B 59 -31.38 -23.05 39.57
N ILE B 60 -32.38 -23.88 39.27
CA ILE B 60 -33.76 -23.50 39.57
C ILE B 60 -34.02 -23.71 41.06
N GLY B 61 -34.92 -22.89 41.60
CA GLY B 61 -35.24 -22.98 43.01
C GLY B 61 -34.08 -22.68 43.94
N CYS B 62 -33.19 -21.79 43.53
CA CYS B 62 -32.08 -21.40 44.39
C CYS B 62 -32.59 -20.55 45.55
N PRO B 63 -31.85 -20.52 46.66
CA PRO B 63 -32.22 -19.64 47.77
C PRO B 63 -32.24 -18.19 47.34
N PRO B 64 -33.19 -17.41 47.83
CA PRO B 64 -33.27 -15.99 47.42
C PRO B 64 -32.06 -15.20 47.88
N ARG B 65 -31.84 -14.07 47.21
CA ARG B 65 -30.69 -13.21 47.50
C ARG B 65 -30.94 -12.34 48.72
N SER B 66 -30.64 -12.86 49.90
CA SER B 66 -30.75 -12.09 51.13
C SER B 66 -29.57 -11.14 51.26
N CYS B 67 -29.85 -9.87 51.55
CA CYS B 67 -28.79 -8.89 51.71
C CYS B 67 -28.68 -8.38 53.14
N GLU B 68 -29.76 -7.79 53.66
CA GLU B 68 -29.75 -7.19 54.98
C GLU B 68 -31.15 -6.68 55.29
N SER B 69 -31.42 -6.48 56.57
CA SER B 69 -32.67 -5.88 57.00
C SER B 69 -32.66 -4.39 56.72
N GLY B 70 -33.81 -3.87 56.27
CA GLY B 70 -33.94 -2.47 55.94
C GLY B 70 -33.46 -2.08 54.56
N LEU B 71 -32.97 -3.04 53.76
CA LEU B 71 -32.50 -2.77 52.41
C LEU B 71 -33.20 -3.68 51.43
N PHE B 72 -33.73 -3.10 50.35
CA PHE B 72 -34.42 -3.85 49.31
C PHE B 72 -33.42 -4.14 48.20
N LEU B 73 -33.20 -5.43 47.93
CA LEU B 73 -32.34 -5.85 46.84
C LEU B 73 -33.13 -5.95 45.55
N CYS B 74 -32.77 -5.14 44.55
CA CYS B 74 -33.41 -5.26 43.25
C CYS B 74 -32.78 -6.42 42.50
N PRO B 75 -33.56 -7.39 42.01
CA PRO B 75 -32.96 -8.61 41.47
C PRO B 75 -32.12 -8.40 40.22
N ALA B 76 -32.31 -7.28 39.51
CA ALA B 76 -31.61 -7.06 38.26
C ALA B 76 -30.20 -6.52 38.45
N GLU B 77 -29.84 -6.03 39.64
CA GLU B 77 -28.48 -5.54 39.85
C GLU B 77 -27.80 -6.32 40.97
N GLY B 78 -28.56 -6.71 41.98
CA GLY B 78 -27.99 -7.25 43.19
C GLY B 78 -27.66 -6.22 44.25
N THR B 79 -27.85 -4.93 43.96
CA THR B 79 -27.62 -3.89 44.95
C THR B 79 -28.68 -3.93 46.03
N CYS B 80 -28.41 -3.22 47.13
CA CYS B 80 -29.30 -3.20 48.30
C CYS B 80 -29.60 -1.74 48.63
N ILE B 81 -30.62 -1.19 47.98
CA ILE B 81 -31.02 0.21 48.15
C ILE B 81 -31.82 0.34 49.43
N PRO B 82 -31.91 1.54 50.03
CA PRO B 82 -32.71 1.71 51.24
C PRO B 82 -34.18 1.39 51.00
N SER B 83 -34.83 0.83 52.03
CA SER B 83 -36.23 0.45 51.92
C SER B 83 -37.16 1.65 51.92
N SER B 84 -36.66 2.85 52.24
CA SER B 84 -37.48 4.05 52.13
C SER B 84 -37.76 4.40 50.68
N TRP B 85 -37.00 3.83 49.75
CA TRP B 85 -37.21 4.09 48.32
C TRP B 85 -38.26 3.19 47.70
N VAL B 86 -38.92 2.34 48.50
CA VAL B 86 -39.91 1.41 47.98
C VAL B 86 -41.28 2.08 47.95
N CYS B 87 -42.00 1.87 46.84
CA CYS B 87 -43.36 2.39 46.66
C CYS B 87 -43.42 3.91 46.82
N ASP B 88 -42.52 4.58 46.09
CA ASP B 88 -42.56 6.04 46.00
C ASP B 88 -42.63 6.54 44.56
N GLU B 89 -43.03 5.69 43.62
CA GLU B 89 -43.26 6.05 42.22
C GLU B 89 -41.98 6.51 41.52
N ASP B 90 -40.82 6.24 42.11
CA ASP B 90 -39.56 6.49 41.42
C ASP B 90 -38.89 5.16 41.07
N LYS B 91 -38.46 5.05 39.82
CA LYS B 91 -37.87 3.82 39.28
C LYS B 91 -36.39 3.78 39.69
N ASP B 92 -36.16 3.47 40.97
CA ASP B 92 -34.84 3.59 41.57
C ASP B 92 -33.86 2.57 41.01
N CYS B 93 -34.24 1.31 40.90
CA CYS B 93 -33.33 0.35 40.30
C CYS B 93 -33.67 0.18 38.82
N SER B 94 -32.75 -0.48 38.09
CA SER B 94 -32.91 -0.59 36.64
C SER B 94 -34.21 -1.29 36.27
N ASP B 95 -34.56 -2.35 36.98
CA ASP B 95 -35.85 -3.00 36.75
C ASP B 95 -36.99 -2.35 37.52
N GLY B 96 -36.68 -1.47 38.46
CA GLY B 96 -37.71 -0.81 39.24
C GLY B 96 -38.52 -1.73 40.14
N ALA B 97 -37.90 -2.78 40.68
CA ALA B 97 -38.63 -3.74 41.51
C ALA B 97 -39.18 -3.08 42.77
N ASP B 98 -38.65 -1.92 43.16
CA ASP B 98 -39.17 -1.20 44.30
C ASP B 98 -40.57 -0.64 44.04
N GLU B 99 -41.03 -0.63 42.79
CA GLU B 99 -42.36 -0.15 42.45
C GLU B 99 -43.25 -1.24 41.87
N GLN B 100 -42.81 -1.91 40.80
CA GLN B 100 -43.66 -2.88 40.13
C GLN B 100 -43.68 -4.24 40.82
N GLN B 101 -42.66 -4.56 41.61
CA GLN B 101 -42.56 -5.88 42.23
C GLN B 101 -43.04 -5.90 43.68
N ASN B 102 -43.07 -4.76 44.36
CA ASN B 102 -43.53 -4.71 45.73
C ASN B 102 -44.92 -4.11 45.88
N CYS B 103 -45.20 -3.02 45.17
CA CYS B 103 -46.49 -2.35 45.24
C CYS B 103 -47.54 -3.02 44.36
N ALA B 104 -47.28 -4.23 43.87
CA ALA B 104 -48.22 -4.93 43.01
C ALA B 104 -49.41 -5.44 43.81
N LYS B 3924 31.80 -31.75 -20.34
CA LYS B 3924 31.80 -31.59 -21.79
C LYS B 3924 33.18 -31.84 -22.36
N PRO B 3925 33.39 -33.03 -22.93
CA PRO B 3925 34.69 -33.31 -23.56
C PRO B 3925 34.92 -32.42 -24.77
N THR B 3926 36.19 -32.22 -25.08
CA THR B 3926 36.58 -31.38 -26.21
C THR B 3926 36.11 -31.99 -27.52
N HIS B 3927 36.23 -31.21 -28.59
CA HIS B 3927 35.85 -31.68 -29.92
C HIS B 3927 36.68 -32.90 -30.29
N LYS B 3928 36.01 -33.94 -30.75
CA LYS B 3928 36.66 -35.25 -30.89
C LYS B 3928 37.57 -35.26 -32.11
N PRO B 3929 38.84 -35.63 -31.95
CA PRO B 3929 39.73 -35.77 -33.11
C PRO B 3929 39.29 -36.91 -34.01
N CYS B 3930 39.87 -36.95 -35.20
CA CYS B 3930 39.51 -37.97 -36.18
C CYS B 3930 40.68 -38.22 -37.11
N THR B 3931 40.67 -39.40 -37.73
CA THR B 3931 41.72 -39.77 -38.67
C THR B 3931 41.61 -38.94 -39.95
N ASP B 3932 42.59 -39.14 -40.83
CA ASP B 3932 42.64 -38.38 -42.09
C ASP B 3932 41.50 -38.73 -43.04
N THR B 3933 40.80 -39.85 -42.81
CA THR B 3933 39.62 -40.17 -43.60
C THR B 3933 38.39 -39.41 -43.13
N GLU B 3934 38.56 -38.55 -42.13
CA GLU B 3934 37.51 -37.68 -41.65
C GLU B 3934 38.04 -36.26 -41.60
N TYR B 3935 37.15 -35.32 -41.29
CA TYR B 3935 37.50 -33.91 -41.24
C TYR B 3935 36.76 -33.24 -40.09
N LYS B 3936 37.47 -32.39 -39.35
CA LYS B 3936 36.87 -31.61 -38.26
C LYS B 3936 36.29 -30.32 -38.84
N CYS B 3937 34.97 -30.28 -38.97
CA CYS B 3937 34.28 -29.14 -39.56
C CYS B 3937 34.43 -27.91 -38.67
N SER B 3938 33.87 -26.78 -39.12
CA SER B 3938 33.81 -25.61 -38.25
C SER B 3938 32.95 -25.90 -37.03
N ASN B 3939 31.88 -26.68 -37.20
CA ASN B 3939 31.11 -27.16 -36.07
C ASN B 3939 31.91 -28.21 -35.29
N GLY B 3940 31.55 -28.38 -34.02
CA GLY B 3940 32.29 -29.27 -33.15
C GLY B 3940 32.07 -30.75 -33.40
N ASN B 3941 32.41 -31.21 -34.60
CA ASN B 3941 32.29 -32.63 -34.93
C ASN B 3941 33.28 -32.99 -36.02
N CYS B 3942 33.56 -34.28 -36.12
CA CYS B 3942 34.41 -34.82 -37.17
C CYS B 3942 33.57 -35.63 -38.15
N ILE B 3943 33.67 -35.31 -39.42
CA ILE B 3943 32.87 -35.92 -40.47
C ILE B 3943 33.79 -36.55 -41.49
N SER B 3944 33.41 -37.73 -41.98
CA SER B 3944 34.26 -38.51 -42.88
C SER B 3944 34.63 -37.71 -44.12
N GLN B 3945 35.89 -37.84 -44.54
CA GLN B 3945 36.39 -37.13 -45.71
C GLN B 3945 35.63 -37.50 -46.98
N HIS B 3946 35.08 -38.72 -47.05
CA HIS B 3946 34.26 -39.08 -48.19
C HIS B 3946 32.89 -38.40 -48.17
N TYR B 3947 32.52 -37.77 -47.06
CA TYR B 3947 31.41 -36.83 -47.03
C TYR B 3947 31.88 -35.40 -47.31
N VAL B 3948 33.16 -35.22 -47.59
CA VAL B 3948 33.73 -33.92 -47.93
C VAL B 3948 33.94 -33.86 -49.43
N CYS B 3949 33.53 -32.75 -50.04
CA CYS B 3949 33.60 -32.55 -51.49
C CYS B 3949 32.73 -33.56 -52.23
N ASP B 3950 31.70 -34.08 -51.55
CA ASP B 3950 30.65 -34.83 -52.22
C ASP B 3950 29.45 -33.96 -52.57
N ASN B 3951 29.53 -32.66 -52.28
CA ASN B 3951 28.55 -31.65 -52.69
C ASN B 3951 27.19 -31.86 -52.04
N VAL B 3952 27.17 -32.44 -50.85
CA VAL B 3952 25.96 -32.55 -50.03
C VAL B 3952 26.32 -32.17 -48.60
N ASN B 3953 25.57 -31.24 -48.02
CA ASN B 3953 25.81 -30.80 -46.65
C ASN B 3953 25.75 -31.99 -45.70
N ASP B 3954 26.78 -32.12 -44.85
CA ASP B 3954 26.89 -33.27 -43.97
C ASP B 3954 27.24 -32.93 -42.53
N CYS B 3955 27.84 -31.78 -42.26
CA CYS B 3955 28.10 -31.35 -40.89
C CYS B 3955 27.43 -30.03 -40.54
N GLY B 3956 26.25 -29.75 -41.10
CA GLY B 3956 25.46 -28.60 -40.72
C GLY B 3956 25.93 -27.29 -41.34
N ASP B 3957 27.18 -26.91 -41.05
CA ASP B 3957 27.70 -25.63 -41.52
C ASP B 3957 28.18 -25.68 -42.96
N LEU B 3958 28.01 -26.83 -43.63
CA LEU B 3958 28.43 -27.02 -45.05
C LEU B 3958 29.96 -27.04 -45.16
N SER B 3959 30.66 -27.00 -44.03
CA SER B 3959 32.11 -26.93 -44.04
C SER B 3959 32.74 -28.03 -44.87
N ASP B 3960 32.04 -29.15 -45.05
CA ASP B 3960 32.53 -30.22 -45.91
C ASP B 3960 32.57 -29.83 -47.38
N GLU B 3961 31.86 -28.76 -47.76
CA GLU B 3961 31.88 -28.28 -49.15
C GLU B 3961 31.89 -26.76 -49.19
N THR B 3962 32.54 -26.13 -48.21
CA THR B 3962 32.74 -24.68 -48.21
C THR B 3962 33.84 -24.35 -49.21
N GLY B 3963 33.47 -24.39 -50.50
CA GLY B 3963 34.40 -24.03 -51.56
C GLY B 3963 35.46 -25.07 -51.86
N CYS B 3964 35.03 -26.23 -52.35
CA CYS B 3964 35.98 -27.24 -52.81
C CYS B 3964 36.57 -26.83 -54.15
N ASN B 3965 37.87 -27.07 -54.31
CA ASN B 3965 38.60 -26.59 -55.48
C ASN B 3965 39.31 -27.75 -56.15
N LEU B 3966 39.62 -27.57 -57.43
CA LEU B 3966 40.26 -28.59 -58.24
C LEU B 3966 41.32 -27.95 -59.12
N GLY B 3967 42.27 -28.77 -59.55
CA GLY B 3967 43.30 -28.29 -60.45
C GLY B 3967 44.42 -29.29 -60.70
N ASP B 3968 44.83 -29.42 -61.96
CA ASP B 3968 45.94 -30.31 -62.29
C ASP B 3968 47.24 -29.82 -61.66
N ASN B 3969 47.50 -28.52 -61.71
CA ASN B 3969 48.69 -27.97 -61.08
C ASN B 3969 48.50 -27.77 -59.59
N ARG B 3970 47.26 -27.94 -59.10
CA ARG B 3970 46.91 -27.50 -57.76
C ARG B 3970 47.28 -28.51 -56.69
N THR B 3971 47.86 -28.01 -55.60
CA THR B 3971 48.04 -28.74 -54.37
C THR B 3971 47.44 -27.92 -53.24
N CYS B 3972 46.89 -28.63 -52.25
CA CYS B 3972 46.21 -27.95 -51.15
C CYS B 3972 47.19 -27.09 -50.34
N ALA B 3973 48.36 -27.62 -50.02
CA ALA B 3973 49.31 -26.89 -49.20
C ALA B 3973 50.36 -26.17 -50.04
N GLU B 3974 49.93 -25.37 -51.02
CA GLU B 3974 50.89 -24.57 -51.75
C GLU B 3974 50.65 -23.09 -51.47
N ASN B 3975 49.50 -22.57 -51.91
CA ASN B 3975 48.92 -21.34 -51.41
C ASN B 3975 47.50 -21.23 -51.96
N ILE B 3976 46.50 -21.34 -51.09
CA ILE B 3976 45.13 -21.13 -51.53
C ILE B 3976 44.37 -20.18 -50.60
N CYS B 3977 44.39 -20.43 -49.29
CA CYS B 3977 43.74 -19.54 -48.34
C CYS B 3977 44.66 -19.26 -47.17
N GLU B 3978 44.24 -18.31 -46.33
CA GLU B 3978 45.12 -17.74 -45.32
C GLU B 3978 45.48 -18.71 -44.20
N GLN B 3979 44.55 -19.52 -43.71
CA GLN B 3979 44.86 -20.21 -42.46
C GLN B 3979 45.08 -21.71 -42.63
N ASN B 3980 44.05 -22.48 -43.00
CA ASN B 3980 44.22 -23.89 -43.42
C ASN B 3980 43.33 -24.27 -44.60
N CYS B 3981 43.89 -25.13 -45.45
CA CYS B 3981 43.19 -25.92 -46.45
C CYS B 3981 43.17 -27.39 -46.05
N THR B 3982 42.34 -28.17 -46.72
CA THR B 3982 42.28 -29.63 -46.52
C THR B 3982 42.19 -30.34 -47.86
N GLN B 3983 42.99 -31.40 -48.01
CA GLN B 3983 43.12 -32.14 -49.26
C GLN B 3983 42.48 -33.53 -49.14
N LEU B 3984 41.98 -34.02 -50.27
CA LEU B 3984 41.54 -35.40 -50.40
C LEU B 3984 42.19 -35.99 -51.64
N SER B 3985 42.26 -37.33 -51.67
CA SER B 3985 43.07 -38.06 -52.62
C SER B 3985 42.60 -37.95 -54.07
N SER B 3986 41.39 -37.42 -54.30
CA SER B 3986 40.91 -37.29 -55.67
C SER B 3986 41.54 -36.12 -56.41
N GLY B 3987 42.37 -35.32 -55.74
CA GLY B 3987 42.93 -34.12 -56.30
C GLY B 3987 42.22 -32.85 -55.89
N GLY B 3988 41.00 -32.96 -55.38
CA GLY B 3988 40.30 -31.79 -54.89
C GLY B 3988 40.84 -31.33 -53.55
N PHE B 3989 40.56 -30.07 -53.22
CA PHE B 3989 41.00 -29.50 -51.96
C PHE B 3989 40.05 -28.38 -51.56
N ILE B 3990 39.97 -28.14 -50.26
CA ILE B 3990 38.97 -27.23 -49.69
C ILE B 3990 39.54 -26.59 -48.44
N CYS B 3991 39.10 -25.36 -48.17
CA CYS B 3991 39.65 -24.54 -47.10
C CYS B 3991 38.65 -24.39 -45.96
N SER B 3992 39.15 -23.84 -44.86
CA SER B 3992 38.34 -23.48 -43.71
C SER B 3992 39.06 -22.38 -42.95
N CYS B 3993 38.32 -21.73 -42.05
CA CYS B 3993 38.85 -20.62 -41.27
C CYS B 3993 38.71 -20.91 -39.79
N ARG B 3994 39.65 -20.40 -39.02
CA ARG B 3994 39.70 -20.59 -37.58
C ARG B 3994 38.53 -19.86 -36.92
N PRO B 3995 38.18 -20.22 -35.69
CA PRO B 3995 37.07 -19.53 -35.01
C PRO B 3995 37.30 -18.02 -34.96
N GLY B 3996 36.21 -17.28 -35.16
CA GLY B 3996 36.27 -15.86 -35.36
C GLY B 3996 36.41 -15.42 -36.81
N PHE B 3997 36.50 -16.37 -37.74
CA PHE B 3997 36.65 -16.07 -39.16
C PHE B 3997 35.68 -16.93 -39.97
N LYS B 3998 35.41 -16.47 -41.18
CA LYS B 3998 34.58 -17.17 -42.15
C LYS B 3998 35.05 -16.78 -43.53
N PRO B 3999 35.04 -17.71 -44.50
CA PRO B 3999 35.44 -17.34 -45.86
C PRO B 3999 34.56 -16.24 -46.43
N SER B 4000 35.17 -15.36 -47.23
CA SER B 4000 34.46 -14.23 -47.79
C SER B 4000 33.33 -14.69 -48.70
N THR B 4001 32.22 -13.96 -48.67
CA THR B 4001 31.04 -14.35 -49.44
C THR B 4001 31.30 -14.26 -50.93
N LEU B 4002 32.05 -13.27 -51.38
CA LEU B 4002 32.34 -13.07 -52.79
C LEU B 4002 33.54 -13.87 -53.27
N ASP B 4003 34.25 -14.53 -52.35
CA ASP B 4003 35.38 -15.37 -52.72
C ASP B 4003 35.61 -16.43 -51.65
N LYS B 4004 35.30 -17.69 -51.97
CA LYS B 4004 35.42 -18.75 -50.98
C LYS B 4004 36.85 -19.28 -50.92
N ASN B 4005 37.82 -18.37 -50.81
CA ASN B 4005 39.21 -18.77 -50.61
C ASN B 4005 39.96 -17.78 -49.71
N SER B 4006 39.23 -16.87 -49.07
CA SER B 4006 39.84 -15.84 -48.23
C SER B 4006 39.05 -15.73 -46.93
N CYS B 4007 39.77 -15.84 -45.81
CA CYS B 4007 39.13 -15.74 -44.50
C CYS B 4007 38.89 -14.27 -44.13
N GLN B 4008 37.70 -13.98 -43.61
CA GLN B 4008 37.37 -12.65 -43.13
C GLN B 4008 36.77 -12.74 -41.74
N ASP B 4009 37.05 -11.73 -40.92
CA ASP B 4009 36.66 -11.75 -39.52
C ASP B 4009 35.17 -11.46 -39.37
N ILE B 4010 34.56 -12.10 -38.37
CA ILE B 4010 33.19 -11.78 -38.00
C ILE B 4010 33.22 -10.71 -36.92
N ASN B 4011 32.52 -9.59 -37.16
CA ASN B 4011 32.32 -8.60 -36.11
C ASN B 4011 31.35 -9.17 -35.09
N GLU B 4012 31.85 -9.47 -33.89
CA GLU B 4012 31.00 -10.08 -32.87
C GLU B 4012 29.94 -9.12 -32.35
N CYS B 4013 30.06 -7.83 -32.63
CA CYS B 4013 29.01 -6.89 -32.25
C CYS B 4013 27.80 -6.93 -33.16
N GLU B 4014 27.80 -7.82 -34.16
CA GLU B 4014 26.62 -8.02 -34.99
C GLU B 4014 25.48 -8.72 -34.25
N GLU B 4015 25.75 -9.27 -33.06
CA GLU B 4015 24.76 -9.97 -32.27
C GLU B 4015 24.39 -9.12 -31.06
N PHE B 4016 23.10 -9.13 -30.71
CA PHE B 4016 22.59 -8.22 -29.69
C PHE B 4016 23.16 -8.55 -28.31
N GLY B 4017 23.08 -9.82 -27.90
CA GLY B 4017 23.48 -10.22 -26.56
C GLY B 4017 24.89 -10.72 -26.39
N ILE B 4018 25.90 -10.02 -26.92
CA ILE B 4018 27.25 -10.55 -26.86
C ILE B 4018 27.97 -10.09 -25.59
N CYS B 4019 28.01 -8.78 -25.34
CA CYS B 4019 28.70 -8.26 -24.18
C CYS B 4019 27.77 -7.30 -23.46
N PRO B 4020 27.95 -7.13 -22.15
CA PRO B 4020 27.37 -5.97 -21.47
C PRO B 4020 28.11 -4.71 -21.88
N GLN B 4021 27.41 -3.58 -21.75
CA GLN B 4021 27.96 -2.28 -22.15
C GLN B 4021 28.41 -2.28 -23.60
N SER B 4022 29.72 -2.13 -23.82
CA SER B 4022 30.27 -1.86 -25.14
C SER B 4022 30.93 -3.11 -25.71
N CYS B 4023 30.50 -3.52 -26.90
CA CYS B 4023 31.21 -4.53 -27.66
C CYS B 4023 32.20 -3.86 -28.60
N ARG B 4024 33.43 -4.36 -28.65
CA ARG B 4024 34.44 -3.83 -29.54
C ARG B 4024 35.05 -4.97 -30.34
N ASN B 4025 35.15 -4.77 -31.65
CA ASN B 4025 35.49 -5.82 -32.59
C ASN B 4025 36.99 -5.96 -32.76
N SER B 4026 37.44 -7.21 -32.87
CA SER B 4026 38.81 -7.54 -33.20
C SER B 4026 38.82 -8.56 -34.33
N LYS B 4027 39.93 -8.64 -35.06
CA LYS B 4027 40.03 -9.61 -36.13
C LYS B 4027 40.11 -11.02 -35.55
N GLY B 4028 39.01 -11.75 -35.61
CA GLY B 4028 38.95 -13.09 -35.05
C GLY B 4028 38.65 -13.17 -33.57
N SER B 4029 38.33 -12.06 -32.93
CA SER B 4029 38.04 -12.03 -31.50
C SER B 4029 37.27 -10.76 -31.21
N TYR B 4030 37.09 -10.46 -29.92
CA TYR B 4030 36.36 -9.27 -29.50
C TYR B 4030 36.69 -8.99 -28.04
N GLU B 4031 36.07 -7.96 -27.49
CA GLU B 4031 36.23 -7.61 -26.09
C GLU B 4031 34.97 -6.90 -25.60
N CYS B 4032 34.80 -6.91 -24.28
CA CYS B 4032 33.62 -6.37 -23.63
C CYS B 4032 34.00 -5.35 -22.57
N PHE B 4033 34.87 -4.41 -22.94
CA PHE B 4033 35.40 -3.46 -21.97
C PHE B 4033 34.29 -2.60 -21.39
N CYS B 4034 34.44 -2.23 -20.12
CA CYS B 4034 33.44 -1.44 -19.44
C CYS B 4034 33.68 0.05 -19.69
N VAL B 4035 32.59 0.82 -19.79
CA VAL B 4035 32.70 2.25 -20.00
C VAL B 4035 33.19 2.92 -18.72
N ASP B 4036 33.58 4.19 -18.85
CA ASP B 4036 34.06 4.96 -17.70
C ASP B 4036 33.00 5.00 -16.61
N GLY B 4037 33.46 4.87 -15.36
CA GLY B 4037 32.57 4.84 -14.22
C GLY B 4037 32.26 3.44 -13.75
N PHE B 4038 32.10 2.51 -14.70
CA PHE B 4038 31.79 1.14 -14.36
C PHE B 4038 33.06 0.34 -14.08
N LYS B 4039 32.87 -0.89 -13.60
CA LYS B 4039 33.96 -1.83 -13.37
C LYS B 4039 33.59 -3.20 -13.91
N SER B 4040 34.60 -3.97 -14.30
CA SER B 4040 34.37 -5.36 -14.70
C SER B 4040 34.21 -6.26 -13.48
N MET B 4041 33.35 -7.26 -13.66
CA MET B 4041 33.08 -8.26 -12.60
C MET B 4041 32.65 -9.50 -13.37
N SER B 4042 32.72 -10.68 -12.76
CA SER B 4042 32.24 -11.85 -13.49
C SER B 4042 31.47 -12.79 -12.58
N THR B 4043 30.17 -12.95 -12.86
CA THR B 4043 29.25 -13.53 -11.89
C THR B 4043 28.87 -14.94 -12.36
N HIS B 4044 28.02 -15.60 -11.56
CA HIS B 4044 27.70 -17.01 -11.80
C HIS B 4044 27.15 -17.24 -13.20
N TYR B 4045 26.27 -16.35 -13.68
CA TYR B 4045 25.68 -16.53 -15.00
C TYR B 4045 26.59 -16.03 -16.12
N GLY B 4046 27.58 -15.22 -15.81
CA GLY B 4046 28.50 -14.74 -16.82
C GLY B 4046 29.14 -13.43 -16.39
N GLU B 4047 29.78 -12.78 -17.37
CA GLU B 4047 30.45 -11.51 -17.13
C GLU B 4047 29.43 -10.42 -16.81
N ARG B 4048 29.80 -9.53 -15.89
CA ARG B 4048 28.86 -8.47 -15.47
C ARG B 4048 29.60 -7.15 -15.25
N CYS B 4049 29.12 -6.09 -15.90
CA CYS B 4049 29.72 -4.75 -15.66
C CYS B 4049 28.98 -4.12 -14.50
N ALA B 4050 29.71 -3.59 -13.52
CA ALA B 4050 29.13 -3.05 -12.29
C ALA B 4050 29.41 -1.56 -12.17
N ALA B 4051 28.41 -0.82 -11.69
CA ALA B 4051 28.55 0.61 -11.49
C ALA B 4051 29.38 0.90 -10.24
N ASP B 4052 29.49 2.18 -9.91
CA ASP B 4052 30.26 2.62 -8.76
C ASP B 4052 29.44 3.51 -7.84
N GLY B 4053 30.09 4.08 -6.82
CA GLY B 4053 29.42 5.03 -5.95
C GLY B 4053 28.31 4.40 -5.14
N SER B 4054 27.31 5.22 -4.81
CA SER B 4054 26.17 4.75 -4.05
C SER B 4054 25.37 3.74 -4.88
N PRO B 4055 24.77 2.74 -4.23
CA PRO B 4055 23.95 1.77 -4.96
C PRO B 4055 22.68 2.42 -5.49
N PRO B 4056 22.08 1.86 -6.54
CA PRO B 4056 20.90 2.48 -7.14
C PRO B 4056 19.72 2.51 -6.19
N LEU B 4057 18.91 3.56 -6.32
CA LEU B 4057 17.65 3.65 -5.60
C LEU B 4057 16.49 3.47 -6.57
N LEU B 4058 15.41 2.86 -6.08
CA LEU B 4058 14.18 2.75 -6.84
C LEU B 4058 13.13 3.68 -6.24
N LEU B 4059 12.68 4.64 -7.03
CA LEU B 4059 11.68 5.60 -6.59
C LEU B 4059 10.30 5.13 -7.03
N LEU B 4060 9.41 4.95 -6.06
CA LEU B 4060 8.13 4.29 -6.28
C LEU B 4060 6.97 5.22 -5.94
N PRO B 4061 6.35 5.88 -6.92
CA PRO B 4061 5.15 6.68 -6.65
C PRO B 4061 3.96 5.77 -6.38
N GLU B 4062 3.18 6.10 -5.35
CA GLU B 4062 2.07 5.24 -4.95
C GLU B 4062 0.78 6.02 -4.78
N ASN B 4063 0.60 7.08 -5.56
CA ASN B 4063 -0.66 7.83 -5.67
C ASN B 4063 -0.95 8.64 -4.41
N VAL B 4064 -0.18 8.41 -3.36
CA VAL B 4064 -0.22 9.25 -2.17
C VAL B 4064 1.17 9.64 -1.70
N ARG B 4065 2.21 8.89 -2.07
CA ARG B 4065 3.54 9.09 -1.54
C ARG B 4065 4.56 8.63 -2.57
N ILE B 4066 5.78 9.15 -2.44
CA ILE B 4066 6.94 8.65 -3.17
C ILE B 4066 7.87 8.02 -2.15
N ARG B 4067 8.17 6.74 -2.35
CA ARG B 4067 8.91 5.95 -1.37
C ARG B 4067 10.19 5.42 -2.00
N LYS B 4068 11.29 5.55 -1.26
CA LYS B 4068 12.61 5.16 -1.74
C LYS B 4068 12.92 3.73 -1.31
N TYR B 4069 13.83 3.09 -2.04
CA TYR B 4069 14.26 1.72 -1.74
C TYR B 4069 15.73 1.58 -2.09
N ASN B 4070 16.59 1.69 -1.08
CA ASN B 4070 18.03 1.51 -1.27
C ASN B 4070 18.27 0.03 -1.56
N THR B 4071 18.46 -0.27 -2.85
CA THR B 4071 18.37 -1.65 -3.32
C THR B 4071 19.47 -2.55 -2.78
N SER B 4072 20.55 -1.98 -2.24
CA SER B 4072 21.60 -2.77 -1.62
C SER B 4072 21.38 -2.96 -0.13
N SER B 4073 20.37 -2.31 0.46
CA SER B 4073 20.03 -2.50 1.86
C SER B 4073 18.68 -3.18 2.05
N GLU B 4074 17.81 -3.11 1.04
CA GLU B 4074 16.47 -3.69 1.11
C GLU B 4074 15.66 -3.08 2.26
N LYS B 4075 15.75 -1.77 2.41
CA LYS B 4075 14.92 -1.04 3.37
C LYS B 4075 14.31 0.17 2.68
N PHE B 4076 13.21 0.65 3.23
CA PHE B 4076 12.51 1.81 2.68
C PHE B 4076 12.88 3.07 3.45
N SER B 4077 12.50 4.22 2.87
CA SER B 4077 12.67 5.50 3.55
C SER B 4077 11.51 6.40 3.18
N GLU B 4078 11.20 7.32 4.09
CA GLU B 4078 9.94 8.06 4.11
C GLU B 4078 9.74 8.95 2.88
N TYR B 4079 10.59 9.96 2.72
CA TYR B 4079 10.48 10.97 1.67
C TYR B 4079 9.09 11.60 1.62
N LEU B 4080 8.58 11.86 0.41
CA LEU B 4080 7.39 12.67 0.25
C LEU B 4080 6.15 11.93 0.75
N GLU B 4081 5.19 12.69 1.28
CA GLU B 4081 3.95 12.14 1.82
C GLU B 4081 2.82 13.14 1.63
N GLU B 4082 1.66 12.76 2.17
CA GLU B 4082 0.45 13.60 2.23
C GLU B 4082 0.18 14.33 0.91
N GLU B 4083 0.29 13.60 -0.20
CA GLU B 4083 -0.08 14.09 -1.52
C GLU B 4083 -1.19 13.20 -2.08
N GLU B 4084 -1.77 13.61 -3.21
CA GLU B 4084 -2.91 12.89 -3.75
C GLU B 4084 -2.82 12.79 -5.26
N HIS B 4085 -3.12 11.60 -5.78
CA HIS B 4085 -3.26 11.33 -7.21
C HIS B 4085 -1.99 11.64 -8.00
N ILE B 4086 -0.83 11.42 -7.40
CA ILE B 4086 0.40 11.51 -8.17
C ILE B 4086 0.47 10.33 -9.13
N GLN B 4087 1.00 10.56 -10.32
CA GLN B 4087 0.89 9.56 -11.37
C GLN B 4087 2.21 9.13 -11.99
N THR B 4088 3.16 10.03 -12.20
CA THR B 4088 4.45 9.66 -12.78
C THR B 4088 5.51 10.64 -12.28
N ILE B 4089 6.75 10.16 -12.24
CA ILE B 4089 7.85 10.94 -11.69
C ILE B 4089 9.06 10.86 -12.62
N ASP B 4090 9.95 11.84 -12.47
CA ASP B 4090 11.27 11.82 -13.06
C ASP B 4090 12.12 12.83 -12.30
N TYR B 4091 13.44 12.70 -12.42
CA TYR B 4091 14.33 13.48 -11.58
C TYR B 4091 15.46 14.08 -12.41
N ASP B 4092 16.08 15.11 -11.83
CA ASP B 4092 17.30 15.72 -12.36
C ASP B 4092 18.37 15.58 -11.30
N TRP B 4093 19.53 15.04 -11.69
CA TRP B 4093 20.55 14.67 -10.72
C TRP B 4093 21.38 15.89 -10.32
N ASP B 4094 21.20 16.34 -9.07
CA ASP B 4094 22.01 17.34 -8.39
C ASP B 4094 22.37 18.50 -9.31
N PRO B 4095 21.39 19.31 -9.73
CA PRO B 4095 21.70 20.40 -10.67
C PRO B 4095 22.65 21.44 -10.12
N GLU B 4096 22.63 21.70 -8.81
CA GLU B 4096 23.40 22.79 -8.22
C GLU B 4096 24.64 22.31 -7.48
N HIS B 4097 25.05 21.06 -7.69
CA HIS B 4097 26.18 20.46 -6.97
C HIS B 4097 26.01 20.61 -5.46
N ILE B 4098 24.86 20.10 -4.99
CA ILE B 4098 24.47 20.22 -3.60
C ILE B 4098 24.44 18.88 -2.88
N GLY B 4099 24.38 17.76 -3.61
CA GLY B 4099 24.06 16.50 -2.99
C GLY B 4099 22.58 16.28 -2.81
N LEU B 4100 21.75 17.08 -3.48
CA LEU B 4100 20.30 17.02 -3.35
C LEU B 4100 19.72 17.10 -4.75
N SER B 4101 19.39 15.95 -5.33
CA SER B 4101 18.76 15.94 -6.63
C SER B 4101 17.32 16.43 -6.51
N VAL B 4102 16.70 16.71 -7.66
CA VAL B 4102 15.35 17.24 -7.71
C VAL B 4102 14.45 16.22 -8.40
N VAL B 4103 13.36 15.87 -7.76
CA VAL B 4103 12.39 14.93 -8.31
C VAL B 4103 11.18 15.70 -8.81
N TYR B 4104 10.83 15.50 -10.07
CA TYR B 4104 9.64 16.09 -10.66
C TYR B 4104 8.56 15.03 -10.76
N TYR B 4105 7.39 15.35 -10.21
CA TYR B 4105 6.28 14.40 -10.22
C TYR B 4105 5.00 15.14 -10.60
N THR B 4106 4.14 14.44 -11.32
CA THR B 4106 2.87 15.00 -11.76
C THR B 4106 1.78 14.70 -10.74
N VAL B 4107 0.67 15.44 -10.85
CA VAL B 4107 -0.51 15.23 -10.03
C VAL B 4107 -1.73 15.23 -10.95
N LEU B 4108 -2.55 14.19 -10.84
CA LEU B 4108 -3.74 14.10 -11.67
C LEU B 4108 -4.80 15.10 -11.19
N ALA B 4109 -5.60 15.55 -12.15
CA ALA B 4109 -6.73 16.41 -11.82
C ALA B 4109 -7.89 15.58 -11.27
N GLN B 4110 -8.56 16.13 -10.26
CA GLN B 4110 -9.71 15.47 -9.64
C GLN B 4110 -10.87 16.44 -9.58
N GLY B 4111 -12.04 15.96 -10.01
CA GLY B 4111 -13.24 16.78 -10.01
C GLY B 4111 -13.12 18.04 -10.84
N SER B 4112 -13.07 19.19 -10.18
CA SER B 4112 -12.92 20.48 -10.84
C SER B 4112 -11.60 21.14 -10.53
N GLN B 4113 -10.70 20.46 -9.84
CA GLN B 4113 -9.38 21.00 -9.51
C GLN B 4113 -8.36 20.40 -10.47
N PHE B 4114 -7.69 21.26 -11.23
CA PHE B 4114 -6.75 20.79 -12.23
C PHE B 4114 -5.48 20.26 -11.57
N GLY B 4115 -4.78 19.40 -12.31
CA GLY B 4115 -3.52 18.86 -11.85
C GLY B 4115 -2.37 19.82 -12.07
N ALA B 4116 -1.19 19.41 -11.60
CA ALA B 4116 0.00 20.23 -11.73
C ALA B 4116 1.23 19.34 -11.66
N ILE B 4117 2.34 19.89 -12.14
CA ILE B 4117 3.66 19.28 -12.00
C ILE B 4117 4.36 19.94 -10.82
N LYS B 4118 4.93 19.13 -9.94
CA LYS B 4118 5.56 19.62 -8.73
C LYS B 4118 6.99 19.10 -8.65
N ARG B 4119 7.84 19.86 -7.95
CA ARG B 4119 9.26 19.56 -7.83
C ARG B 4119 9.68 19.67 -6.37
N ALA B 4120 10.64 18.82 -5.98
CA ALA B 4120 11.14 18.82 -4.62
C ALA B 4120 12.52 18.17 -4.60
N TYR B 4121 13.30 18.48 -3.56
CA TYR B 4121 14.63 17.92 -3.42
C TYR B 4121 14.58 16.52 -2.85
N ILE B 4122 15.43 15.64 -3.36
CA ILE B 4122 15.62 14.29 -2.85
C ILE B 4122 17.05 14.17 -2.36
N PRO B 4123 17.29 13.70 -1.13
CA PRO B 4123 18.66 13.58 -0.64
C PRO B 4123 19.42 12.47 -1.35
N ASN B 4124 20.60 12.82 -1.86
CA ASN B 4124 21.46 11.77 -2.43
C ASN B 4124 22.14 11.05 -1.25
N PHE B 4125 21.96 11.57 -0.02
CA PHE B 4125 22.66 10.99 1.15
C PHE B 4125 21.74 10.03 1.92
N GLU B 4126 22.32 9.15 2.74
CA GLU B 4126 21.53 8.11 3.45
C GLU B 4126 20.53 8.75 4.41
N SER B 4127 20.43 10.08 4.42
CA SER B 4127 19.54 10.73 5.41
C SER B 4127 18.09 10.51 5.00
N GLY B 4128 17.70 9.25 4.82
CA GLY B 4128 16.30 8.93 4.48
C GLY B 4128 15.42 9.04 5.72
N SER B 4129 15.87 9.77 6.73
CA SER B 4129 15.08 9.98 7.93
C SER B 4129 13.80 10.74 7.60
N ASN B 4130 13.00 10.98 8.65
CA ASN B 4130 11.76 11.73 8.48
C ASN B 4130 12.03 13.22 8.51
N ASN B 4131 12.97 13.68 7.69
CA ASN B 4131 13.24 15.10 7.58
C ASN B 4131 12.11 15.80 6.83
N PRO B 4132 11.86 17.07 7.14
CA PRO B 4132 10.80 17.80 6.43
C PRO B 4132 11.07 17.86 4.94
N ILE B 4133 10.01 17.70 4.15
CA ILE B 4133 10.08 17.78 2.69
C ILE B 4133 9.04 18.75 2.21
N ARG B 4134 9.47 19.78 1.48
CA ARG B 4134 8.59 20.82 0.98
C ARG B 4134 8.55 20.74 -0.55
N GLU B 4135 7.36 20.52 -1.09
CA GLU B 4135 7.19 20.51 -2.53
C GLU B 4135 6.82 21.90 -3.04
N VAL B 4136 7.16 22.16 -4.31
CA VAL B 4136 6.90 23.44 -4.94
C VAL B 4136 6.11 23.19 -6.22
N ASP B 4137 4.99 23.89 -6.37
CA ASP B 4137 4.21 23.79 -7.59
C ASP B 4137 4.84 24.67 -8.68
N LEU B 4138 4.96 24.12 -9.89
CA LEU B 4138 5.47 24.90 -11.00
C LEU B 4138 4.46 25.92 -11.52
N GLY B 4139 3.17 25.69 -11.26
CA GLY B 4139 2.16 26.65 -11.69
C GLY B 4139 1.64 26.44 -13.09
N LEU B 4140 1.84 25.27 -13.68
CA LEU B 4140 1.30 24.97 -15.00
C LEU B 4140 -0.19 24.68 -14.86
N LYS B 4141 -1.01 25.48 -15.53
CA LYS B 4141 -2.46 25.37 -15.37
C LYS B 4141 -3.07 24.53 -16.50
N TYR B 4142 -4.36 24.30 -16.39
CA TYR B 4142 -5.16 23.54 -17.36
C TYR B 4142 -4.64 22.10 -17.54
N LEU B 4143 -4.09 21.52 -16.49
CA LEU B 4143 -3.61 20.15 -16.57
C LEU B 4143 -4.68 19.19 -16.08
N MET B 4144 -5.06 18.25 -16.94
CA MET B 4144 -6.17 17.34 -16.63
C MET B 4144 -5.71 15.90 -16.42
N GLN B 4145 -4.67 15.47 -17.14
CA GLN B 4145 -4.08 14.14 -16.94
C GLN B 4145 -2.67 14.12 -17.48
N PRO B 4146 -1.69 14.55 -16.69
CA PRO B 4146 -0.29 14.37 -17.08
C PRO B 4146 0.12 12.92 -16.94
N ASP B 4147 0.28 12.22 -18.07
CA ASP B 4147 0.53 10.80 -18.05
C ASP B 4147 1.99 10.44 -18.26
N GLY B 4148 2.74 11.27 -18.94
CA GLY B 4148 4.17 11.04 -19.13
C GLY B 4148 4.97 12.28 -18.79
N LEU B 4149 6.14 12.06 -18.21
CA LEU B 4149 7.00 13.16 -17.78
C LEU B 4149 8.45 12.78 -18.03
N ALA B 4150 9.23 13.75 -18.50
CA ALA B 4150 10.64 13.53 -18.78
C ALA B 4150 11.40 14.83 -18.55
N VAL B 4151 12.66 14.70 -18.15
CA VAL B 4151 13.51 15.85 -17.85
C VAL B 4151 14.71 15.83 -18.78
N ASP B 4152 14.89 16.92 -19.52
CA ASP B 4152 16.09 17.11 -20.34
C ASP B 4152 17.14 17.77 -19.44
N TRP B 4153 18.08 16.97 -18.95
CA TRP B 4153 19.03 17.46 -17.96
C TRP B 4153 20.13 18.32 -18.56
N VAL B 4154 20.33 18.27 -19.88
CA VAL B 4154 21.35 19.10 -20.52
C VAL B 4154 20.74 20.38 -21.08
N GLY B 4155 19.46 20.34 -21.45
CA GLY B 4155 18.78 21.52 -21.91
C GLY B 4155 17.99 22.27 -20.86
N ARG B 4156 17.91 21.71 -19.64
CA ARG B 4156 17.16 22.31 -18.54
C ARG B 4156 15.70 22.53 -18.91
N HIS B 4157 15.11 21.56 -19.60
CA HIS B 4157 13.71 21.60 -19.98
C HIS B 4157 12.98 20.41 -19.39
N ILE B 4158 11.67 20.55 -19.20
CA ILE B 4158 10.82 19.48 -18.69
C ILE B 4158 9.75 19.20 -19.73
N TYR B 4159 9.73 17.96 -20.23
CA TYR B 4159 8.77 17.54 -21.24
C TYR B 4159 7.68 16.70 -20.58
N TRP B 4160 6.45 16.87 -21.05
CA TRP B 4160 5.34 16.08 -20.54
C TRP B 4160 4.26 16.00 -21.59
N SER B 4161 3.32 15.08 -21.38
CA SER B 4161 2.18 14.89 -22.27
C SER B 4161 0.91 14.74 -21.45
N ASP B 4162 -0.16 15.35 -21.94
CA ASP B 4162 -1.48 15.23 -21.33
C ASP B 4162 -2.34 14.37 -22.23
N ALA B 4163 -2.73 13.19 -21.73
CA ALA B 4163 -3.52 12.27 -22.54
C ALA B 4163 -4.87 12.86 -22.93
N LYS B 4164 -5.54 13.52 -21.98
CA LYS B 4164 -6.85 14.10 -22.25
C LYS B 4164 -6.78 15.26 -23.25
N SER B 4165 -5.85 16.19 -23.06
CA SER B 4165 -5.73 17.33 -23.97
C SER B 4165 -4.97 16.99 -25.24
N GLN B 4166 -4.25 15.88 -25.27
CA GLN B 4166 -3.59 15.38 -26.48
C GLN B 4166 -2.53 16.35 -26.99
N ARG B 4167 -1.67 16.82 -26.08
CA ARG B 4167 -0.54 17.66 -26.45
C ARG B 4167 0.72 17.17 -25.74
N ILE B 4168 1.85 17.33 -26.43
CA ILE B 4168 3.17 17.16 -25.83
C ILE B 4168 3.80 18.54 -25.72
N GLU B 4169 4.07 18.96 -24.49
CA GLU B 4169 4.47 20.33 -24.22
C GLU B 4169 5.85 20.36 -23.58
N VAL B 4170 6.54 21.47 -23.77
CA VAL B 4170 7.87 21.69 -23.21
C VAL B 4170 7.89 23.02 -22.49
N ALA B 4171 8.61 23.07 -21.38
CA ALA B 4171 8.76 24.28 -20.61
C ALA B 4171 10.05 24.20 -19.81
N THR B 4172 10.50 25.33 -19.30
CA THR B 4172 11.68 25.33 -18.45
C THR B 4172 11.37 24.65 -17.12
N LEU B 4173 12.44 24.26 -16.42
CA LEU B 4173 12.29 23.58 -15.14
C LEU B 4173 11.54 24.41 -14.11
N ASP B 4174 11.50 25.73 -14.26
CA ASP B 4174 10.75 26.59 -13.37
C ASP B 4174 9.35 26.88 -13.87
N GLY B 4175 8.94 26.26 -14.97
CA GLY B 4175 7.57 26.39 -15.46
C GLY B 4175 7.33 27.57 -16.38
N ARG B 4176 8.37 28.28 -16.80
CA ARG B 4176 8.18 29.42 -17.69
C ARG B 4176 8.13 28.97 -19.14
N TYR B 4177 7.55 29.83 -19.98
CA TYR B 4177 7.62 29.69 -21.44
C TYR B 4177 7.05 28.37 -21.91
N ARG B 4178 5.76 28.16 -21.69
CA ARG B 4178 5.09 26.97 -22.21
C ARG B 4178 5.09 26.98 -23.73
N LYS B 4179 5.18 25.80 -24.32
CA LYS B 4179 5.27 25.65 -25.77
C LYS B 4179 4.66 24.32 -26.18
N TRP B 4180 3.78 24.36 -27.18
CA TRP B 4180 3.14 23.15 -27.69
C TRP B 4180 4.01 22.58 -28.81
N LEU B 4181 4.43 21.33 -28.65
CA LEU B 4181 5.26 20.69 -29.67
C LEU B 4181 4.42 19.87 -30.64
N ILE B 4182 3.69 18.88 -30.12
CA ILE B 4182 2.86 18.00 -30.93
C ILE B 4182 1.41 18.27 -30.58
N THR B 4183 0.61 18.62 -31.59
CA THR B 4183 -0.78 18.98 -31.37
C THR B 4183 -1.76 18.19 -32.23
N THR B 4184 -1.27 17.38 -33.18
CA THR B 4184 -2.14 16.66 -34.09
C THR B 4184 -1.77 15.19 -34.09
N GLN B 4185 -2.72 14.36 -34.51
CA GLN B 4185 -2.54 12.91 -34.62
C GLN B 4185 -2.14 12.29 -33.28
N LEU B 4186 -2.64 12.84 -32.19
CA LEU B 4186 -2.47 12.26 -30.87
C LEU B 4186 -3.85 12.01 -30.27
N ASP B 4187 -4.09 10.76 -29.87
CA ASP B 4187 -5.32 10.39 -29.18
C ASP B 4187 -5.12 10.21 -27.68
N GLN B 4188 -4.07 9.50 -27.27
CA GLN B 4188 -3.77 9.30 -25.86
C GLN B 4188 -2.27 9.13 -25.71
N PRO B 4189 -1.51 10.23 -25.67
CA PRO B 4189 -0.06 10.11 -25.47
C PRO B 4189 0.28 9.59 -24.08
N ALA B 4190 0.84 8.38 -24.02
CA ALA B 4190 1.02 7.72 -22.73
C ALA B 4190 2.27 8.19 -22.02
N ALA B 4191 3.45 7.92 -22.59
CA ALA B 4191 4.70 8.22 -21.93
C ALA B 4191 5.72 8.67 -22.95
N ILE B 4192 6.72 9.43 -22.48
CA ILE B 4192 7.74 10.00 -23.34
C ILE B 4192 9.12 9.78 -22.72
N ALA B 4193 10.14 9.91 -23.57
CA ALA B 4193 11.52 9.88 -23.14
C ALA B 4193 12.34 10.73 -24.08
N VAL B 4194 13.44 11.29 -23.57
CA VAL B 4194 14.27 12.21 -24.34
C VAL B 4194 15.70 11.68 -24.35
N ASN B 4195 16.42 11.98 -25.44
CA ASN B 4195 17.81 11.59 -25.60
C ASN B 4195 18.59 12.84 -26.00
N PRO B 4196 18.94 13.69 -25.03
CA PRO B 4196 19.60 14.97 -25.37
C PRO B 4196 20.92 14.79 -26.08
N LYS B 4197 21.61 13.65 -25.90
CA LYS B 4197 22.85 13.41 -26.64
C LYS B 4197 22.60 13.40 -28.14
N LEU B 4198 21.53 12.73 -28.56
CA LEU B 4198 21.17 12.66 -29.98
C LEU B 4198 20.14 13.70 -30.38
N GLY B 4199 19.58 14.43 -29.41
CA GLY B 4199 18.57 15.42 -29.73
C GLY B 4199 17.25 14.83 -30.16
N LEU B 4200 16.96 13.59 -29.79
CA LEU B 4200 15.73 12.92 -30.17
C LEU B 4200 14.84 12.71 -28.95
N MET B 4201 13.54 12.83 -29.16
CA MET B 4201 12.55 12.52 -28.14
C MET B 4201 11.56 11.50 -28.68
N PHE B 4202 11.11 10.61 -27.80
CA PHE B 4202 10.26 9.49 -28.18
C PHE B 4202 9.00 9.51 -27.32
N TRP B 4203 7.89 9.05 -27.89
CA TRP B 4203 6.64 8.97 -27.16
C TRP B 4203 5.80 7.85 -27.74
N THR B 4204 4.78 7.45 -26.99
CA THR B 4204 3.89 6.37 -27.38
C THR B 4204 2.45 6.86 -27.38
N ASP B 4205 1.64 6.24 -28.23
CA ASP B 4205 0.20 6.48 -28.29
C ASP B 4205 -0.53 5.20 -27.92
N GLN B 4206 -1.49 5.31 -27.01
CA GLN B 4206 -2.26 4.16 -26.55
C GLN B 4206 -3.75 4.28 -26.88
N GLY B 4207 -4.11 5.14 -27.83
CA GLY B 4207 -5.50 5.37 -28.17
C GLY B 4207 -6.07 4.33 -29.12
N LYS B 4208 -6.84 4.81 -30.09
CA LYS B 4208 -7.50 3.91 -31.03
C LYS B 4208 -6.47 3.14 -31.87
N GLN B 4209 -5.42 3.83 -32.32
CA GLN B 4209 -4.39 3.22 -33.16
C GLN B 4209 -3.05 3.37 -32.46
N PRO B 4210 -2.67 2.40 -31.64
CA PRO B 4210 -1.40 2.51 -30.90
C PRO B 4210 -0.21 2.61 -31.84
N LYS B 4211 0.78 3.40 -31.43
CA LYS B 4211 1.99 3.59 -32.22
C LYS B 4211 3.06 4.17 -31.32
N ILE B 4212 4.31 4.10 -31.79
CA ILE B 4212 5.45 4.70 -31.12
C ILE B 4212 6.12 5.66 -32.10
N GLU B 4213 6.30 6.90 -31.68
CA GLU B 4213 6.76 7.94 -32.57
C GLU B 4213 7.98 8.63 -31.98
N SER B 4214 8.76 9.25 -32.86
CA SER B 4214 9.92 10.03 -32.47
C SER B 4214 9.99 11.28 -33.33
N ALA B 4215 10.67 12.30 -32.79
CA ALA B 4215 10.84 13.55 -33.49
C ALA B 4215 12.03 14.28 -32.89
N TRP B 4216 12.44 15.36 -33.55
CA TRP B 4216 13.47 16.21 -32.98
C TRP B 4216 12.96 16.84 -31.69
N MET B 4217 13.88 17.16 -30.80
CA MET B 4217 13.49 17.74 -29.51
C MET B 4217 12.94 19.15 -29.65
N ASN B 4218 13.05 19.77 -30.82
CA ASN B 4218 12.42 21.05 -31.09
C ASN B 4218 11.05 20.89 -31.74
N GLY B 4219 10.60 19.66 -31.97
CA GLY B 4219 9.28 19.42 -32.52
C GLY B 4219 9.24 19.12 -34.00
N GLU B 4220 10.38 19.06 -34.68
CA GLU B 4220 10.41 18.83 -36.11
C GLU B 4220 10.74 17.38 -36.44
N HIS B 4221 10.59 17.04 -37.72
CA HIS B 4221 10.96 15.72 -38.24
C HIS B 4221 10.23 14.60 -37.51
N ARG B 4222 8.92 14.77 -37.32
CA ARG B 4222 8.11 13.75 -36.69
C ARG B 4222 8.07 12.49 -37.57
N SER B 4223 8.09 11.34 -36.92
CA SER B 4223 8.07 10.06 -37.63
C SER B 4223 7.53 8.98 -36.72
N VAL B 4224 7.16 7.85 -37.32
CA VAL B 4224 6.71 6.70 -36.57
C VAL B 4224 7.80 5.63 -36.55
N LEU B 4225 7.72 4.75 -35.56
CA LEU B 4225 8.65 3.63 -35.44
C LEU B 4225 7.96 2.27 -35.51
N VAL B 4226 6.91 2.06 -34.72
CA VAL B 4226 6.18 0.81 -34.71
C VAL B 4226 4.69 1.13 -34.83
N SER B 4227 4.00 0.39 -35.69
CA SER B 4227 2.56 0.56 -35.81
C SER B 4227 1.81 -0.77 -35.88
N GLU B 4228 2.47 -1.90 -35.67
CA GLU B 4228 1.83 -3.21 -35.73
C GLU B 4228 2.26 -4.03 -34.53
N ASN B 4229 1.35 -4.87 -34.06
CA ASN B 4229 1.57 -5.73 -32.89
C ASN B 4229 1.86 -4.89 -31.66
N LEU B 4230 0.93 -3.99 -31.35
CA LEU B 4230 1.04 -3.11 -30.19
C LEU B 4230 -0.34 -2.87 -29.61
N GLY B 4231 -0.37 -2.55 -28.32
CA GLY B 4231 -1.56 -2.08 -27.67
C GLY B 4231 -1.28 -1.56 -26.27
N TRP B 4232 -1.73 -0.35 -25.99
CA TRP B 4232 -1.49 0.32 -24.71
C TRP B 4232 -0.01 0.30 -24.36
N PRO B 4233 0.85 1.03 -25.08
CA PRO B 4233 2.27 1.11 -24.72
C PRO B 4233 2.50 2.03 -23.53
N ASN B 4234 2.40 1.48 -22.32
CA ASN B 4234 2.35 2.30 -21.10
C ASN B 4234 3.57 3.20 -20.95
N GLY B 4235 4.77 2.68 -21.21
CA GLY B 4235 5.96 3.47 -20.98
C GLY B 4235 7.21 2.93 -21.64
N LEU B 4236 8.21 3.79 -21.81
CA LEU B 4236 9.45 3.43 -22.47
C LEU B 4236 10.63 4.06 -21.74
N SER B 4237 11.80 3.45 -21.90
CA SER B 4237 13.03 4.00 -21.36
C SER B 4237 14.16 3.72 -22.34
N ILE B 4238 15.19 4.57 -22.29
CA ILE B 4238 16.27 4.56 -23.27
C ILE B 4238 17.53 4.08 -22.58
N ASP B 4239 18.21 3.10 -23.19
CA ASP B 4239 19.49 2.61 -22.71
C ASP B 4239 20.56 3.41 -23.45
N TYR B 4240 21.07 4.45 -22.79
CA TYR B 4240 22.02 5.36 -23.42
C TYR B 4240 23.38 4.71 -23.62
N LEU B 4241 23.59 3.53 -23.04
CA LEU B 4241 24.88 2.87 -23.08
C LEU B 4241 24.96 1.75 -24.11
N ASN B 4242 23.86 1.42 -24.79
CA ASN B 4242 23.87 0.41 -25.84
C ASN B 4242 23.19 1.00 -27.09
N ASP B 4243 23.97 1.74 -27.87
CA ASP B 4243 23.53 2.33 -29.14
C ASP B 4243 22.20 3.07 -29.00
N ASP B 4244 21.91 3.56 -27.79
CA ASP B 4244 20.68 4.30 -27.50
C ASP B 4244 19.45 3.51 -27.90
N ARG B 4245 19.47 2.21 -27.66
CA ARG B 4245 18.29 1.38 -27.91
C ARG B 4245 17.22 1.67 -26.86
N VAL B 4246 15.97 1.69 -27.30
CA VAL B 4246 14.85 2.06 -26.45
C VAL B 4246 13.95 0.85 -26.25
N TYR B 4247 13.76 0.46 -24.99
CA TYR B 4247 12.79 -0.55 -24.61
C TYR B 4247 11.47 0.12 -24.27
N TRP B 4248 10.38 -0.64 -24.39
CA TRP B 4248 9.07 -0.14 -23.98
C TRP B 4248 8.22 -1.30 -23.48
N SER B 4249 7.22 -0.96 -22.68
CA SER B 4249 6.34 -1.93 -22.05
C SER B 4249 4.97 -1.92 -22.71
N ASP B 4250 4.22 -2.98 -22.47
CA ASP B 4250 2.91 -3.17 -23.09
C ASP B 4250 2.08 -4.06 -22.19
N SER B 4251 0.91 -3.57 -21.77
CA SER B 4251 0.05 -4.30 -20.86
C SER B 4251 -1.16 -4.92 -21.54
N LYS B 4252 -1.24 -4.84 -22.87
CA LYS B 4252 -2.26 -5.58 -23.59
C LYS B 4252 -1.70 -6.81 -24.29
N GLU B 4253 -0.51 -6.70 -24.89
CA GLU B 4253 0.22 -7.86 -25.36
C GLU B 4253 1.03 -8.52 -24.25
N ASP B 4254 1.11 -7.90 -23.07
CA ASP B 4254 1.83 -8.43 -21.92
C ASP B 4254 3.28 -8.76 -22.28
N VAL B 4255 3.92 -7.82 -22.98
CA VAL B 4255 5.24 -8.04 -23.56
C VAL B 4255 6.12 -6.84 -23.29
N ILE B 4256 7.43 -7.07 -23.30
CA ILE B 4256 8.43 -6.01 -23.27
C ILE B 4256 9.39 -6.26 -24.42
N GLU B 4257 9.56 -5.26 -25.28
CA GLU B 4257 10.37 -5.44 -26.48
C GLU B 4257 11.08 -4.14 -26.81
N ALA B 4258 12.20 -4.26 -27.51
CA ALA B 4258 13.10 -3.14 -27.75
C ALA B 4258 13.25 -2.88 -29.23
N ILE B 4259 13.79 -1.71 -29.56
CA ILE B 4259 14.01 -1.30 -30.93
C ILE B 4259 15.07 -0.20 -30.94
N LYS B 4260 15.81 -0.13 -32.04
CA LYS B 4260 16.80 0.94 -32.19
C LYS B 4260 16.09 2.27 -32.43
N TYR B 4261 16.85 3.36 -32.24
CA TYR B 4261 16.27 4.68 -32.34
C TYR B 4261 15.79 5.04 -33.75
N ASP B 4262 16.23 4.30 -34.76
CA ASP B 4262 15.76 4.54 -36.13
C ASP B 4262 14.57 3.66 -36.51
N GLY B 4263 14.13 2.77 -35.64
CA GLY B 4263 13.03 1.88 -35.93
C GLY B 4263 13.40 0.50 -36.40
N THR B 4264 14.70 0.17 -36.43
CA THR B 4264 15.14 -1.15 -36.86
C THR B 4264 15.55 -1.99 -35.67
N ASP B 4265 15.82 -3.26 -35.95
CA ASP B 4265 16.28 -4.23 -34.93
C ASP B 4265 15.22 -4.36 -33.84
N ARG B 4266 14.02 -4.79 -34.23
CA ARG B 4266 12.98 -5.07 -33.26
C ARG B 4266 13.16 -6.46 -32.67
N ARG B 4267 13.27 -6.53 -31.34
CA ARG B 4267 13.49 -7.79 -30.65
C ARG B 4267 12.53 -7.90 -29.47
N LEU B 4268 12.07 -9.12 -29.20
CA LEU B 4268 11.25 -9.39 -28.03
C LEU B 4268 12.15 -9.77 -26.86
N ILE B 4269 11.96 -9.12 -25.71
CA ILE B 4269 12.86 -9.29 -24.59
C ILE B 4269 12.18 -10.11 -23.49
N ILE B 4270 11.03 -9.64 -23.01
CA ILE B 4270 10.29 -10.29 -21.93
C ILE B 4270 8.96 -10.78 -22.47
N ASN B 4271 8.64 -12.04 -22.19
CA ASN B 4271 7.32 -12.59 -22.46
C ASN B 4271 6.63 -12.96 -21.15
N GLU B 4272 5.31 -12.84 -21.14
CA GLU B 4272 4.50 -13.09 -19.95
C GLU B 4272 4.94 -12.19 -18.80
N ALA B 4273 4.88 -10.88 -19.04
CA ALA B 4273 5.33 -9.89 -18.06
C ALA B 4273 4.22 -9.44 -17.11
N MET B 4274 3.11 -10.18 -17.04
CA MET B 4274 1.98 -9.93 -16.13
C MET B 4274 1.62 -8.44 -16.07
N LYS B 4275 1.26 -7.89 -17.24
CA LYS B 4275 0.80 -6.52 -17.41
C LYS B 4275 1.85 -5.51 -16.96
N PRO B 4276 2.96 -5.36 -17.69
CA PRO B 4276 3.95 -4.35 -17.31
C PRO B 4276 3.42 -2.94 -17.59
N PHE B 4277 3.55 -2.06 -16.61
CA PHE B 4277 3.02 -0.71 -16.71
C PHE B 4277 4.11 0.36 -16.77
N SER B 4278 5.33 0.04 -16.36
CA SER B 4278 6.44 0.98 -16.47
C SER B 4278 7.72 0.16 -16.47
N LEU B 4279 8.81 0.79 -16.89
CA LEU B 4279 10.08 0.08 -16.96
C LEU B 4279 11.24 1.04 -16.87
N ASP B 4280 12.40 0.48 -16.53
CA ASP B 4280 13.65 1.22 -16.48
C ASP B 4280 14.80 0.24 -16.67
N ILE B 4281 15.85 0.70 -17.34
CA ILE B 4281 17.02 -0.12 -17.65
C ILE B 4281 18.23 0.50 -16.97
N PHE B 4282 18.95 -0.32 -16.20
CA PHE B 4282 20.16 0.18 -15.52
C PHE B 4282 21.14 -0.99 -15.31
N GLU B 4283 22.38 -0.85 -15.77
CA GLU B 4283 23.43 -1.90 -15.59
C GLU B 4283 22.89 -3.29 -15.96
N ASP B 4284 22.17 -3.42 -17.08
CA ASP B 4284 21.70 -4.75 -17.58
C ASP B 4284 20.38 -5.16 -16.95
N LYS B 4285 20.04 -4.61 -15.79
CA LYS B 4285 18.81 -5.07 -15.08
C LYS B 4285 17.58 -4.31 -15.58
N LEU B 4286 16.64 -5.00 -16.22
CA LEU B 4286 15.39 -4.40 -16.66
C LEU B 4286 14.37 -4.55 -15.55
N TYR B 4287 13.91 -3.43 -15.00
CA TYR B 4287 12.90 -3.41 -13.97
C TYR B 4287 11.56 -3.02 -14.57
N TRP B 4288 10.48 -3.63 -14.10
CA TRP B 4288 9.15 -3.29 -14.58
C TRP B 4288 8.12 -3.60 -13.52
N VAL B 4289 6.94 -3.01 -13.68
CA VAL B 4289 5.90 -3.02 -12.67
C VAL B 4289 4.69 -3.77 -13.21
N ALA B 4290 4.24 -4.78 -12.46
CA ALA B 4290 3.00 -5.48 -12.76
C ALA B 4290 1.86 -4.71 -12.10
N LYS B 4291 1.14 -3.92 -12.90
CA LYS B 4291 0.15 -3.02 -12.34
C LYS B 4291 -1.01 -3.77 -11.68
N GLU B 4292 -1.38 -4.93 -12.25
CA GLU B 4292 -2.53 -5.67 -11.74
C GLU B 4292 -2.29 -6.22 -10.34
N LYS B 4293 -1.04 -6.37 -9.93
CA LYS B 4293 -0.73 -6.99 -8.64
C LYS B 4293 0.37 -6.27 -7.87
N GLY B 4294 0.98 -5.23 -8.44
CA GLY B 4294 1.89 -4.39 -7.68
C GLY B 4294 3.19 -5.03 -7.22
N GLU B 4295 3.87 -5.77 -8.08
CA GLU B 4295 5.21 -6.25 -7.79
C GLU B 4295 6.22 -5.58 -8.74
N VAL B 4296 7.42 -5.34 -8.22
CA VAL B 4296 8.54 -4.88 -9.02
C VAL B 4296 9.35 -6.09 -9.45
N TRP B 4297 9.53 -6.25 -10.75
CA TRP B 4297 10.18 -7.43 -11.31
C TRP B 4297 11.47 -7.05 -12.01
N ARG B 4298 12.43 -7.95 -11.98
CA ARG B 4298 13.76 -7.70 -12.51
C ARG B 4298 14.20 -8.85 -13.40
N GLN B 4299 14.75 -8.51 -14.56
CA GLN B 4299 15.44 -9.47 -15.40
C GLN B 4299 16.55 -8.75 -16.15
N ASN B 4300 17.51 -9.53 -16.64
CA ASN B 4300 18.55 -9.00 -17.51
C ASN B 4300 17.91 -8.37 -18.74
N LYS B 4301 18.42 -7.21 -19.14
CA LYS B 4301 17.79 -6.46 -20.22
C LYS B 4301 17.82 -7.22 -21.54
N PHE B 4302 18.79 -8.10 -21.72
CA PHE B 4302 18.87 -8.90 -22.95
C PHE B 4302 17.88 -10.04 -22.97
N GLY B 4303 17.23 -10.35 -21.85
CA GLY B 4303 16.20 -11.37 -21.83
C GLY B 4303 16.68 -12.79 -21.95
N LYS B 4304 17.93 -13.08 -21.57
CA LYS B 4304 18.48 -14.43 -21.64
C LYS B 4304 18.67 -15.05 -20.26
N GLU B 4305 17.96 -14.54 -19.25
CA GLU B 4305 18.01 -15.10 -17.90
C GLU B 4305 16.58 -15.35 -17.40
N ASN B 4306 16.44 -15.64 -16.12
CA ASN B 4306 15.14 -15.93 -15.51
C ASN B 4306 14.67 -14.72 -14.70
N LYS B 4307 13.36 -14.62 -14.54
CA LYS B 4307 12.77 -13.49 -13.84
C LYS B 4307 13.09 -13.54 -12.34
N GLU B 4308 12.99 -12.39 -11.69
CA GLU B 4308 13.20 -12.27 -10.25
C GLU B 4308 12.23 -11.22 -9.70
N LYS B 4309 11.60 -11.54 -8.57
CA LYS B 4309 10.73 -10.58 -7.89
C LYS B 4309 11.57 -9.72 -6.94
N VAL B 4310 11.47 -8.40 -7.08
CA VAL B 4310 12.22 -7.51 -6.20
C VAL B 4310 11.44 -7.28 -4.91
N LEU B 4311 10.24 -6.72 -5.00
CA LEU B 4311 9.43 -6.42 -3.83
C LEU B 4311 7.98 -6.29 -4.27
N VAL B 4312 7.08 -6.32 -3.28
CA VAL B 4312 5.64 -6.23 -3.51
C VAL B 4312 5.10 -5.02 -2.77
N VAL B 4313 4.33 -4.19 -3.49
CA VAL B 4313 3.68 -3.03 -2.90
C VAL B 4313 2.24 -2.98 -3.40
N ASN B 4314 1.49 -2.04 -2.84
CA ASN B 4314 0.08 -1.83 -3.14
C ASN B 4314 -0.16 -1.64 -4.63
N PRO B 4315 -1.38 -1.90 -5.12
CA PRO B 4315 -1.66 -1.68 -6.55
C PRO B 4315 -1.78 -0.21 -6.92
N TRP B 4316 -1.46 0.67 -5.97
CA TRP B 4316 -1.34 2.09 -6.26
C TRP B 4316 -0.01 2.45 -6.93
N LEU B 4317 0.89 1.49 -7.08
CA LEU B 4317 2.17 1.74 -7.72
C LEU B 4317 1.95 2.05 -9.21
N THR B 4318 2.60 3.11 -9.68
CA THR B 4318 2.38 3.58 -11.04
C THR B 4318 3.63 3.57 -11.91
N GLN B 4319 4.82 3.57 -11.32
CA GLN B 4319 6.04 3.65 -12.12
C GLN B 4319 7.22 3.22 -11.26
N VAL B 4320 8.22 2.64 -11.92
CA VAL B 4320 9.52 2.37 -11.32
C VAL B 4320 10.57 3.21 -12.05
N ARG B 4321 11.42 3.88 -11.28
CA ARG B 4321 12.44 4.74 -11.84
C ARG B 4321 13.73 4.57 -11.04
N ILE B 4322 14.84 4.39 -11.74
CA ILE B 4322 16.13 4.16 -11.09
C ILE B 4322 16.78 5.51 -10.82
N PHE B 4323 17.13 5.75 -9.56
CA PHE B 4323 17.70 7.02 -9.12
C PHE B 4323 19.19 6.81 -8.85
N HIS B 4324 20.00 6.98 -9.90
CA HIS B 4324 21.44 6.80 -9.78
C HIS B 4324 22.14 7.79 -10.70
N GLN B 4325 23.39 8.12 -10.36
CA GLN B 4325 24.14 9.10 -11.14
C GLN B 4325 24.38 8.62 -12.56
N LEU B 4326 24.72 7.35 -12.74
CA LEU B 4326 25.02 6.81 -14.06
C LEU B 4326 23.79 6.53 -14.89
N ARG B 4327 22.59 6.72 -14.34
CA ARG B 4327 21.37 6.55 -15.12
C ARG B 4327 21.35 7.51 -16.31
N TYR B 4328 21.76 8.75 -16.08
CA TYR B 4328 21.91 9.75 -17.14
C TYR B 4328 23.36 10.21 -17.18
N ASN B 4329 23.90 10.36 -18.38
CA ASN B 4329 25.27 10.88 -18.51
C ASN B 4329 25.24 12.34 -18.10
N GLN B 4330 25.69 12.61 -16.88
CA GLN B 4330 25.62 13.95 -16.33
C GLN B 4330 26.58 14.92 -17.01
N SER B 4331 27.58 14.40 -17.72
CA SER B 4331 28.61 15.27 -18.30
C SER B 4331 28.29 15.69 -19.73
N VAL B 4332 27.09 15.40 -20.23
CA VAL B 4332 26.73 15.80 -21.59
C VAL B 4332 26.70 17.32 -21.66
N SER B 4333 27.46 17.88 -22.60
CA SER B 4333 27.59 19.33 -22.71
C SER B 4333 26.33 19.95 -23.31
N ASN B 4334 25.95 21.11 -22.79
CA ASN B 4334 24.83 21.86 -23.32
C ASN B 4334 25.26 22.64 -24.56
N PRO B 4335 24.69 22.37 -25.73
CA PRO B 4335 25.15 23.05 -26.95
C PRO B 4335 24.67 24.49 -27.08
N CYS B 4336 23.73 24.93 -26.24
CA CYS B 4336 23.19 26.28 -26.39
C CYS B 4336 24.26 27.32 -26.17
N LYS B 4337 24.22 28.39 -26.98
CA LYS B 4337 25.23 29.44 -26.97
C LYS B 4337 24.68 30.78 -26.50
N GLN B 4338 23.65 30.75 -25.65
CA GLN B 4338 23.05 31.95 -25.07
C GLN B 4338 22.57 32.92 -26.15
N VAL B 4339 22.04 32.39 -27.25
CA VAL B 4339 21.58 33.22 -28.35
C VAL B 4339 20.07 33.43 -28.30
N CYS B 4340 19.32 32.38 -27.97
CA CYS B 4340 17.87 32.48 -27.90
C CYS B 4340 17.45 33.37 -26.73
N SER B 4341 16.25 33.94 -26.85
CA SER B 4341 15.72 34.82 -25.82
C SER B 4341 14.88 34.10 -24.78
N HIS B 4342 14.07 33.12 -25.20
CA HIS B 4342 13.18 32.44 -24.27
C HIS B 4342 13.53 30.97 -24.13
N LEU B 4343 13.55 30.24 -25.25
CA LEU B 4343 13.77 28.80 -25.23
C LEU B 4343 14.86 28.41 -26.22
N CYS B 4344 15.71 27.47 -25.79
CA CYS B 4344 16.78 26.94 -26.64
C CYS B 4344 16.63 25.41 -26.65
N LEU B 4345 15.79 24.91 -27.54
CA LEU B 4345 15.58 23.47 -27.65
C LEU B 4345 16.75 22.83 -28.39
N LEU B 4346 16.83 21.50 -28.30
CA LEU B 4346 17.89 20.76 -28.96
C LEU B 4346 17.38 20.10 -30.23
N ARG B 4347 18.32 19.85 -31.13
CA ARG B 4347 18.07 19.12 -32.37
C ARG B 4347 19.33 18.30 -32.64
N PRO B 4348 19.33 17.33 -33.56
CA PRO B 4348 20.52 16.47 -33.69
C PRO B 4348 21.70 17.25 -34.20
N GLY B 4349 22.61 17.57 -33.27
CA GLY B 4349 23.63 18.56 -33.53
C GLY B 4349 23.05 19.95 -33.38
N GLY B 4350 23.75 20.84 -32.68
CA GLY B 4350 23.25 22.20 -32.57
C GLY B 4350 22.02 22.32 -31.69
N TYR B 4351 21.22 23.35 -31.99
CA TYR B 4351 20.06 23.68 -31.17
C TYR B 4351 19.03 24.37 -32.06
N SER B 4352 18.01 24.94 -31.43
CA SER B 4352 16.97 25.66 -32.16
C SER B 4352 16.20 26.53 -31.18
N CYS B 4353 16.06 27.81 -31.51
CA CYS B 4353 15.32 28.73 -30.66
C CYS B 4353 13.81 28.60 -30.90
N ALA B 4354 13.04 28.97 -29.88
CA ALA B 4354 11.58 28.90 -29.97
C ALA B 4354 10.98 29.95 -29.05
N CYS B 4355 9.71 30.30 -29.33
CA CYS B 4355 8.97 31.29 -28.57
C CYS B 4355 7.94 30.62 -27.67
N PRO B 4356 7.54 31.29 -26.59
CA PRO B 4356 6.42 30.78 -25.79
C PRO B 4356 5.15 30.73 -26.63
N GLN B 4357 4.24 29.84 -26.23
CA GLN B 4357 3.04 29.59 -27.01
C GLN B 4357 2.26 30.88 -27.22
N GLY B 4358 1.86 31.12 -28.47
CA GLY B 4358 1.16 32.33 -28.84
C GLY B 4358 2.03 33.45 -29.37
N SER B 4359 3.19 33.68 -28.78
CA SER B 4359 4.07 34.75 -29.23
C SER B 4359 4.94 34.28 -30.39
N ASP B 4360 5.25 35.21 -31.29
CA ASP B 4360 6.02 34.91 -32.49
C ASP B 4360 7.32 35.71 -32.48
N PHE B 4361 8.21 35.36 -33.41
CA PHE B 4361 9.44 36.12 -33.60
C PHE B 4361 9.15 37.47 -34.23
N VAL B 4362 9.96 38.46 -33.88
CA VAL B 4362 9.78 39.81 -34.41
C VAL B 4362 10.58 39.99 -35.69
N THR B 4363 9.88 40.27 -36.79
CA THR B 4363 10.50 40.51 -38.10
C THR B 4363 11.43 39.38 -38.51
N GLY B 4364 11.06 38.14 -38.19
CA GLY B 4364 11.87 37.00 -38.54
C GLY B 4364 13.24 36.97 -37.91
N SER B 4365 13.39 37.52 -36.71
CA SER B 4365 14.70 37.54 -36.05
C SER B 4365 15.12 36.12 -35.67
N THR B 4366 14.16 35.24 -35.40
CA THR B 4366 14.39 33.83 -35.09
C THR B 4366 15.21 33.65 -33.81
N VAL B 4367 15.51 34.72 -33.09
CA VAL B 4367 16.17 34.61 -31.80
C VAL B 4367 15.40 35.43 -30.77
N GLN B 4368 14.63 36.40 -31.23
CA GLN B 4368 13.92 37.33 -30.35
C GLN B 4368 12.42 37.18 -30.55
N CYS B 4369 11.68 37.02 -29.46
CA CYS B 4369 10.24 36.89 -29.49
C CYS B 4369 9.59 38.14 -28.90
N ASP B 4370 8.31 38.33 -29.24
CA ASP B 4370 7.58 39.50 -28.75
C ASP B 4370 7.19 39.36 -27.28
N ALA B 4371 7.17 38.15 -26.75
CA ALA B 4371 6.79 37.94 -25.36
C ALA B 4371 7.82 38.52 -24.41
N ALA B 4372 7.36 39.12 -23.32
CA ALA B 4372 8.26 39.66 -22.31
C ALA B 4372 8.88 38.53 -21.51
N SER B 4373 10.17 38.65 -21.22
CA SER B 4373 10.86 37.64 -20.46
C SER B 4373 10.41 37.64 -19.01
N GLU B 4374 10.54 36.49 -18.35
CA GLU B 4374 10.07 36.31 -16.98
C GLU B 4374 11.24 35.87 -16.10
N LEU B 4375 11.19 36.26 -14.83
CA LEU B 4375 12.29 35.98 -13.93
C LEU B 4375 12.34 34.49 -13.61
N PRO B 4376 13.53 33.92 -13.38
CA PRO B 4376 13.62 32.52 -12.97
C PRO B 4376 13.03 32.32 -11.57
N VAL B 4377 12.59 31.10 -11.31
CA VAL B 4377 12.02 30.71 -10.01
C VAL B 4377 12.98 29.75 -9.33
N THR B 4378 13.40 30.10 -8.13
CA THR B 4378 14.30 29.26 -7.35
C THR B 4378 13.54 28.55 -6.23
N MET B 4379 14.14 27.48 -5.71
CA MET B 4379 13.47 26.75 -4.65
C MET B 4379 14.03 27.17 -3.28
N PRO B 4380 13.21 27.10 -2.24
CA PRO B 4380 13.70 27.44 -0.90
C PRO B 4380 14.74 26.44 -0.44
N PRO B 4381 15.66 26.85 0.44
CA PRO B 4381 16.69 25.93 0.92
C PRO B 4381 16.09 24.74 1.63
N PRO B 4382 16.49 23.52 1.28
CA PRO B 4382 15.99 22.33 1.96
C PRO B 4382 16.89 21.89 3.09
N CYS B 4383 16.43 20.88 3.81
CA CYS B 4383 17.25 20.26 4.86
C CYS B 4383 18.26 19.33 4.22
N ARG B 4384 19.55 19.57 4.46
CA ARG B 4384 20.62 18.77 3.89
C ARG B 4384 21.36 17.93 4.92
N CYS B 4385 20.74 17.71 6.08
CA CYS B 4385 21.45 17.13 7.22
C CYS B 4385 21.90 15.71 6.91
N MET B 4386 23.15 15.40 7.23
CA MET B 4386 23.68 14.07 7.04
C MET B 4386 23.67 13.30 8.36
N HIS B 4387 23.78 11.98 8.25
CA HIS B 4387 23.85 11.08 9.40
C HIS B 4387 22.61 11.20 10.30
N GLY B 4388 21.45 11.32 9.66
CA GLY B 4388 20.19 11.22 10.37
C GLY B 4388 19.89 12.28 11.40
N GLY B 4389 20.20 13.54 11.11
CA GLY B 4389 19.85 14.60 12.04
C GLY B 4389 18.43 15.09 11.85
N ASN B 4390 17.89 15.73 12.88
CA ASN B 4390 16.61 16.39 12.78
C ASN B 4390 16.73 17.63 11.89
N CYS B 4391 15.64 18.39 11.79
CA CYS B 4391 15.67 19.67 11.09
C CYS B 4391 14.67 20.63 11.74
N TYR B 4392 15.09 21.88 11.92
CA TYR B 4392 14.25 22.89 12.53
C TYR B 4392 14.26 24.15 11.67
N PHE B 4393 13.48 25.14 12.11
CA PHE B 4393 13.43 26.45 11.47
C PHE B 4393 13.53 27.52 12.56
N ASP B 4394 14.47 28.45 12.40
CA ASP B 4394 14.69 29.48 13.40
C ASP B 4394 13.64 30.57 13.26
N GLU B 4395 13.85 31.69 13.96
CA GLU B 4395 12.97 32.85 13.84
C GLU B 4395 12.99 33.47 12.46
N ASN B 4396 14.02 33.20 11.65
CA ASN B 4396 14.05 33.62 10.27
C ASN B 4396 13.50 32.56 9.31
N GLU B 4397 13.04 31.43 9.85
CA GLU B 4397 12.46 30.34 9.05
C GLU B 4397 13.46 29.79 8.04
N LEU B 4398 14.74 30.07 8.26
CA LEU B 4398 15.79 29.41 7.51
C LEU B 4398 16.00 28.03 8.10
N PRO B 4399 15.90 26.96 7.31
CA PRO B 4399 16.05 25.62 7.89
C PRO B 4399 17.48 25.36 8.33
N LYS B 4400 17.68 25.43 9.64
CA LYS B 4400 18.92 25.00 10.30
C LYS B 4400 18.56 23.74 11.08
N CYS B 4401 19.52 22.84 11.23
CA CYS B 4401 19.21 21.53 11.79
C CYS B 4401 20.31 21.04 12.72
N LYS B 4402 19.90 20.29 13.75
CA LYS B 4402 20.80 19.72 14.73
C LYS B 4402 20.96 18.25 14.47
N CYS B 4403 21.82 17.60 15.23
CA CYS B 4403 21.92 16.13 15.23
C CYS B 4403 22.62 15.70 16.51
N SER B 4404 22.80 14.39 16.63
CA SER B 4404 23.58 13.84 17.74
C SER B 4404 25.02 14.28 17.61
N SER B 4405 25.64 14.62 18.76
CA SER B 4405 26.99 15.17 18.76
C SER B 4405 28.05 14.17 18.30
N GLY B 4406 27.67 12.92 18.03
CA GLY B 4406 28.63 11.98 17.43
C GLY B 4406 29.14 12.47 16.11
N TYR B 4407 28.28 13.09 15.31
CA TYR B 4407 28.68 13.81 14.11
C TYR B 4407 28.37 15.28 14.30
N SER B 4408 29.26 16.14 13.82
CA SER B 4408 29.14 17.57 14.07
C SER B 4408 29.12 18.31 12.74
N GLY B 4409 29.16 19.64 12.83
CA GLY B 4409 29.19 20.50 11.67
C GLY B 4409 27.90 21.29 11.50
N GLU B 4410 27.96 22.23 10.56
CA GLU B 4410 26.76 23.01 10.21
C GLU B 4410 25.66 22.10 9.71
N TYR B 4411 26.01 21.03 9.00
CA TYR B 4411 25.05 20.15 8.34
C TYR B 4411 25.15 18.72 8.84
N CYS B 4412 25.78 18.52 10.00
CA CYS B 4412 26.06 17.20 10.55
C CYS B 4412 26.83 16.34 9.54
N GLU B 4413 27.93 16.89 9.03
CA GLU B 4413 28.69 16.23 7.97
C GLU B 4413 30.01 15.65 8.46
N VAL B 4414 30.64 16.24 9.48
CA VAL B 4414 31.92 15.76 9.97
C VAL B 4414 31.68 14.84 11.16
N GLY B 4415 32.65 13.96 11.42
CA GLY B 4415 32.55 12.99 12.48
C GLY B 4415 32.61 13.60 13.88
#